data_7P84
#
_entry.id   7P84
#
_cell.length_a   76.104
_cell.length_b   76.104
_cell.length_c   280.674
_cell.angle_alpha   90.000
_cell.angle_beta   90.000
_cell.angle_gamma   120.000
#
_symmetry.space_group_name_H-M   'P 32 2 1'
#
loop_
_entity.id
_entity.type
_entity.pdbx_description
1 polymer 'S-adenosylmethionine synthase'
2 non-polymer TRIPHOSPHATE
3 non-polymer 'MAGNESIUM ION'
4 non-polymer [(2S,3S,4R,5R)-5-(6-aminopurin-9-yl)-3,4-bis(oxidanyl)oxolan-2-yl]methyl-[(3R)-3-azanyl-4-oxidanyl-4-oxidanylidene-butyl]-[(2-nitrophenyl)methyl]sulfanium
5 water water
#
_entity_poly.entity_id   1
_entity_poly.type   'polypeptide(L)'
_entity_poly.pdbx_seq_one_letter_code
;MGSSHHHHHHSSGLVPRGSHMRNIIVKKLDVEPIEERPTEIVERKGLGHPDSICDGIAESVSRALCKMYMEKFGTILHHN
TDQVELVGGHAYPKFGGGVMVSPIYILLSGRATMEILDKEKNEVIKLPVGTTAVKAAKEYLKKVLRNVDVDKDVIIDCRI
GQGSMDAVDVFERQKNEVPLANDTSFGVGYAPLSTTERLVLETERFLNSDELKNEIPAVGEDIKVMGLREGKKITLTIAM
AVVDRYVKNIEEYKEVIEKVRKKVEDLAKKIADGYEVEIHINTADDYERESVYLTVTGTSAEMGDDGSVGRGNRVNGLIT
PFRPMSMEAASGKNPVNHVGKIYNILANLIANDIAKLEGVKECYVRILSQAGKPINEPKALDIEIITEDSYDIKDIEPKA
KEIANKWLDNIMEVQKMIVEGKVTTF
;
_entity_poly.pdbx_strand_id   A,C
#
loop_
_chem_comp.id
_chem_comp.type
_chem_comp.name
_chem_comp.formula
3PO non-polymer TRIPHOSPHATE 'H5 O10 P3'
EU9 non-polymer [(2S,3S,4R,5R)-5-(6-aminopurin-9-yl)-3,4-bis(oxidanyl)oxolan-2-yl]methyl-[(3R)-3-azanyl-4-oxidanyl-4-oxidanylidene-butyl]-[(2-nitrophenyl)methyl]sulfanium 'C21 H26 N7 O7 S 1'
MG non-polymer 'MAGNESIUM ION' 'Mg 2'
#
# COMPACT_ATOMS: atom_id res chain seq x y z
N MET A 21 -31.71 9.65 -6.40
CA MET A 21 -30.95 10.71 -5.70
C MET A 21 -29.62 10.16 -5.17
N ARG A 22 -28.57 10.34 -5.96
CA ARG A 22 -27.24 9.85 -5.61
C ARG A 22 -26.53 10.82 -4.66
N ASN A 23 -25.65 10.27 -3.83
CA ASN A 23 -24.95 11.05 -2.82
C ASN A 23 -23.73 11.77 -3.37
N ILE A 24 -23.96 12.70 -4.30
CA ILE A 24 -22.87 13.48 -4.88
C ILE A 24 -22.70 14.79 -4.13
N ILE A 25 -21.47 15.07 -3.72
CA ILE A 25 -21.14 16.25 -2.93
C ILE A 25 -20.03 17.03 -3.62
N VAL A 26 -20.29 18.31 -3.86
CA VAL A 26 -19.33 19.19 -4.52
C VAL A 26 -18.92 20.31 -3.59
N LYS A 27 -17.61 20.52 -3.48
CA LYS A 27 -17.05 21.55 -2.61
C LYS A 27 -16.00 22.37 -3.33
N LYS A 28 -15.97 23.66 -3.02
CA LYS A 28 -14.86 24.52 -3.41
C LYS A 28 -13.70 24.23 -2.46
N LEU A 29 -12.50 24.14 -3.01
CA LEU A 29 -11.31 23.90 -2.20
C LEU A 29 -10.38 25.09 -2.32
N ASP A 30 -10.13 25.74 -1.20
CA ASP A 30 -9.31 26.94 -1.16
C ASP A 30 -7.95 26.64 -0.55
N VAL A 31 -7.08 26.01 -1.34
CA VAL A 31 -5.70 25.78 -0.96
C VAL A 31 -4.81 26.11 -2.14
N GLU A 32 -3.50 26.14 -1.90
CA GLU A 32 -2.55 26.44 -2.96
C GLU A 32 -2.55 25.31 -4.00
N PRO A 33 -2.67 25.65 -5.30
CA PRO A 33 -2.56 24.60 -6.32
C PRO A 33 -1.21 23.91 -6.25
N ILE A 34 -1.16 22.64 -6.64
CA ILE A 34 0.05 21.85 -6.47
C ILE A 34 1.24 22.44 -7.24
N GLU A 35 0.98 22.99 -8.42
CA GLU A 35 2.04 23.57 -9.23
C GLU A 35 2.70 24.75 -8.52
N GLU A 36 1.92 25.48 -7.75
CA GLU A 36 2.39 26.70 -7.09
C GLU A 36 3.02 26.41 -5.73
N ARG A 37 2.83 25.20 -5.23
CA ARG A 37 3.49 24.81 -3.99
C ARG A 37 5.01 24.71 -4.22
N PRO A 38 5.80 24.94 -3.18
CA PRO A 38 7.26 24.94 -3.33
C PRO A 38 7.86 23.56 -3.62
N THR A 39 7.32 22.50 -3.00
CA THR A 39 7.91 21.18 -3.10
C THR A 39 6.93 20.12 -3.61
N GLU A 40 7.44 19.22 -4.43
CA GLU A 40 6.67 18.12 -4.99
C GLU A 40 7.54 16.88 -5.13
N ILE A 41 7.05 15.74 -4.64
CA ILE A 41 7.73 14.46 -4.80
C ILE A 41 6.81 13.46 -5.48
N VAL A 42 7.30 12.86 -6.56
CA VAL A 42 6.53 11.91 -7.34
C VAL A 42 7.41 10.75 -7.77
N GLU A 43 6.85 9.55 -7.72
CA GLU A 43 7.60 8.35 -8.05
C GLU A 43 6.78 7.42 -8.94
N ARG A 44 7.46 6.71 -9.83
CA ARG A 44 6.84 5.66 -10.63
C ARG A 44 7.76 4.44 -10.69
N LYS A 45 7.20 3.28 -10.37
CA LYS A 45 7.91 2.02 -10.49
C LYS A 45 7.57 1.40 -11.84
N GLY A 46 8.57 1.28 -12.70
CA GLY A 46 8.37 0.83 -14.06
C GLY A 46 7.93 -0.62 -14.17
N LEU A 47 7.63 -1.05 -15.40
CA LEU A 47 7.06 -2.36 -15.65
C LEU A 47 7.89 -3.51 -15.12
N GLY A 48 9.21 -3.36 -15.16
CA GLY A 48 10.12 -4.41 -14.74
C GLY A 48 10.47 -4.39 -13.27
N HIS A 49 9.97 -3.39 -12.53
CA HIS A 49 10.22 -3.33 -11.10
C HIS A 49 9.47 -4.48 -10.41
N PRO A 50 10.07 -5.11 -9.39
CA PRO A 50 9.45 -6.28 -8.76
C PRO A 50 8.01 -6.06 -8.29
N ASP A 51 7.71 -4.88 -7.76
CA ASP A 51 6.36 -4.59 -7.30
C ASP A 51 5.38 -4.49 -8.46
N SER A 52 5.82 -3.83 -9.53
CA SER A 52 4.98 -3.66 -10.71
C SER A 52 4.82 -4.97 -11.48
N ILE A 53 5.81 -5.84 -11.41
CA ILE A 53 5.68 -7.18 -12.00
C ILE A 53 4.52 -7.88 -11.31
N CYS A 54 4.48 -7.79 -9.98
CA CYS A 54 3.41 -8.40 -9.21
C CYS A 54 2.03 -7.84 -9.56
N ASP A 55 1.92 -6.51 -9.62
CA ASP A 55 0.67 -5.88 -10.05
C ASP A 55 0.26 -6.38 -11.42
N GLY A 56 1.20 -6.35 -12.36
CA GLY A 56 0.95 -6.78 -13.72
C GLY A 56 0.52 -8.23 -13.81
N ILE A 57 1.19 -9.11 -13.07
CA ILE A 57 0.82 -10.52 -13.06
C ILE A 57 -0.57 -10.69 -12.46
N ALA A 58 -0.84 -10.01 -11.35
CA ALA A 58 -2.13 -10.09 -10.69
C ALA A 58 -3.27 -9.76 -11.65
N GLU A 59 -3.10 -8.69 -12.43
CA GLU A 59 -4.14 -8.26 -13.36
C GLU A 59 -4.27 -9.22 -14.54
N SER A 60 -3.15 -9.72 -15.03
CA SER A 60 -3.16 -10.71 -16.11
C SER A 60 -3.92 -11.97 -15.71
N VAL A 61 -3.77 -12.40 -14.47
CA VAL A 61 -4.46 -13.58 -13.99
C VAL A 61 -5.96 -13.33 -13.98
N SER A 62 -6.36 -12.18 -13.43
CA SER A 62 -7.77 -11.81 -13.37
C SER A 62 -8.40 -11.78 -14.76
N ARG A 63 -7.72 -11.14 -15.70
CA ARG A 63 -8.22 -11.05 -17.07
C ARG A 63 -8.35 -12.44 -17.69
N ALA A 64 -7.39 -13.31 -17.39
CA ALA A 64 -7.40 -14.66 -17.94
C ALA A 64 -8.57 -15.46 -17.36
N LEU A 65 -8.78 -15.35 -16.05
CA LEU A 65 -9.89 -16.04 -15.40
C LEU A 65 -11.23 -15.50 -15.88
N CYS A 66 -11.32 -14.19 -16.10
CA CYS A 66 -12.52 -13.58 -16.64
C CYS A 66 -12.85 -14.20 -18.00
N LYS A 67 -11.83 -14.32 -18.84
CA LYS A 67 -12.00 -14.89 -20.17
C LYS A 67 -12.39 -16.37 -20.10
N MET A 68 -11.80 -17.10 -19.17
CA MET A 68 -12.11 -18.52 -19.01
C MET A 68 -13.53 -18.73 -18.49
N TYR A 69 -13.92 -17.94 -17.50
CA TYR A 69 -15.27 -18.02 -16.95
C TYR A 69 -16.32 -17.68 -18.02
N MET A 70 -16.00 -16.69 -18.84
CA MET A 70 -16.91 -16.25 -19.90
C MET A 70 -17.10 -17.36 -20.93
N GLU A 71 -16.00 -18.02 -21.30
CA GLU A 71 -16.03 -19.08 -22.29
C GLU A 71 -16.85 -20.28 -21.83
N LYS A 72 -16.79 -20.59 -20.55
CA LYS A 72 -17.45 -21.78 -20.02
C LYS A 72 -18.91 -21.54 -19.64
N PHE A 73 -19.22 -20.34 -19.17
CA PHE A 73 -20.55 -20.06 -18.63
C PHE A 73 -21.23 -18.83 -19.23
N GLY A 74 -20.50 -18.08 -20.05
CA GLY A 74 -21.05 -16.86 -20.63
C GLY A 74 -21.19 -15.74 -19.61
N THR A 75 -20.55 -15.92 -18.46
CA THR A 75 -20.58 -14.93 -17.40
C THR A 75 -19.29 -15.02 -16.57
N ILE A 76 -18.99 -13.95 -15.82
CA ILE A 76 -17.82 -13.95 -14.96
C ILE A 76 -18.22 -14.41 -13.57
N LEU A 77 -17.43 -15.33 -12.99
CA LEU A 77 -17.69 -15.85 -11.66
C LEU A 77 -16.77 -15.18 -10.65
N HIS A 78 -17.12 -15.30 -9.37
CA HIS A 78 -16.37 -14.64 -8.31
C HIS A 78 -14.89 -15.03 -8.28
N HIS A 79 -14.05 -14.01 -8.15
CA HIS A 79 -12.62 -14.19 -7.97
C HIS A 79 -12.00 -12.86 -7.58
N ASN A 80 -10.84 -12.91 -6.93
CA ASN A 80 -10.01 -11.73 -6.71
C ASN A 80 -8.56 -12.18 -6.54
N THR A 81 -7.78 -12.09 -7.61
CA THR A 81 -6.40 -12.54 -7.60
C THR A 81 -5.46 -11.34 -7.45
N ASP A 82 -5.78 -10.49 -6.48
CA ASP A 82 -4.99 -9.30 -6.19
C ASP A 82 -3.89 -9.63 -5.18
N GLN A 83 -3.28 -10.79 -5.35
CA GLN A 83 -2.24 -11.27 -4.45
C GLN A 83 -1.16 -12.04 -5.22
N VAL A 84 0.03 -11.45 -5.31
CA VAL A 84 1.18 -12.07 -5.95
C VAL A 84 2.42 -11.71 -5.17
N GLU A 85 3.15 -12.72 -4.71
CA GLU A 85 4.38 -12.51 -3.96
C GLU A 85 5.58 -12.93 -4.80
N LEU A 86 6.52 -12.00 -4.99
CA LEU A 86 7.76 -12.27 -5.71
C LEU A 86 8.93 -12.34 -4.75
N VAL A 87 9.55 -13.51 -4.67
CA VAL A 87 10.76 -13.70 -3.88
C VAL A 87 11.96 -13.61 -4.82
N GLY A 88 12.84 -12.65 -4.58
CA GLY A 88 13.95 -12.39 -5.47
C GLY A 88 14.86 -13.58 -5.70
N GLY A 89 15.36 -13.71 -6.92
CA GLY A 89 16.33 -14.74 -7.25
C GLY A 89 17.74 -14.25 -7.03
N HIS A 90 18.70 -14.94 -7.62
CA HIS A 90 20.10 -14.52 -7.57
C HIS A 90 20.75 -14.75 -8.92
N ALA A 91 21.68 -13.86 -9.29
CA ALA A 91 22.31 -13.91 -10.59
C ALA A 91 23.77 -13.47 -10.53
N TYR A 92 24.46 -13.64 -11.64
CA TYR A 92 25.87 -13.31 -11.78
C TYR A 92 26.08 -12.50 -13.04
N PRO A 93 25.89 -11.17 -12.95
CA PRO A 93 26.00 -10.32 -14.14
C PRO A 93 27.43 -10.26 -14.66
N LYS A 94 27.56 -10.04 -15.97
CA LYS A 94 28.88 -10.02 -16.60
C LYS A 94 28.78 -9.38 -17.97
N PHE A 95 29.73 -8.50 -18.29
CA PHE A 95 29.77 -7.86 -19.59
C PHE A 95 29.77 -8.89 -20.70
N GLY A 96 28.86 -8.73 -21.66
CA GLY A 96 28.72 -9.67 -22.76
C GLY A 96 27.70 -10.75 -22.48
N GLY A 97 27.30 -10.88 -21.22
CA GLY A 97 26.28 -11.84 -20.83
C GLY A 97 26.63 -12.58 -19.56
N GLY A 98 25.75 -12.50 -18.57
CA GLY A 98 25.91 -13.23 -17.33
C GLY A 98 24.95 -14.40 -17.27
N VAL A 99 24.73 -14.95 -16.08
CA VAL A 99 23.82 -16.09 -15.91
C VAL A 99 23.07 -16.04 -14.58
N MET A 100 21.86 -16.59 -14.58
CA MET A 100 21.08 -16.75 -13.34
C MET A 100 21.72 -17.80 -12.45
N VAL A 101 21.57 -17.63 -11.14
CA VAL A 101 22.12 -18.56 -10.16
C VAL A 101 21.00 -19.27 -9.41
N SER A 102 20.02 -18.49 -8.95
CA SER A 102 18.84 -19.04 -8.29
C SER A 102 17.58 -18.45 -8.90
N PRO A 103 16.60 -19.29 -9.24
CA PRO A 103 15.40 -18.74 -9.89
C PRO A 103 14.61 -17.77 -9.02
N ILE A 104 13.95 -16.81 -9.65
CA ILE A 104 12.97 -15.97 -8.99
C ILE A 104 11.73 -16.81 -8.69
N TYR A 105 11.27 -16.77 -7.44
CA TYR A 105 10.08 -17.52 -7.06
C TYR A 105 8.87 -16.61 -6.95
N ILE A 106 7.83 -16.91 -7.72
CA ILE A 106 6.59 -16.13 -7.71
C ILE A 106 5.43 -17.01 -7.26
N LEU A 107 4.69 -16.52 -6.27
CA LEU A 107 3.51 -17.21 -5.76
C LEU A 107 2.24 -16.49 -6.19
N LEU A 108 1.46 -17.15 -7.05
CA LEU A 108 0.14 -16.65 -7.42
C LEU A 108 -0.83 -16.97 -6.30
N SER A 109 -1.61 -15.98 -5.88
CA SER A 109 -2.58 -16.18 -4.81
C SER A 109 -3.86 -15.39 -5.06
N GLY A 110 -4.73 -15.37 -4.06
CA GLY A 110 -6.02 -14.73 -4.16
C GLY A 110 -7.17 -15.71 -4.06
N ARG A 111 -8.39 -15.22 -4.28
CA ARG A 111 -9.59 -16.03 -4.25
C ARG A 111 -10.10 -16.27 -5.69
N ALA A 112 -10.70 -17.44 -5.91
CA ALA A 112 -11.31 -17.73 -7.21
C ALA A 112 -12.32 -18.87 -7.07
N THR A 113 -13.32 -18.89 -7.95
CA THR A 113 -14.26 -20.01 -7.99
C THR A 113 -13.54 -21.21 -8.58
N MET A 114 -13.21 -22.17 -7.72
CA MET A 114 -12.36 -23.30 -8.11
C MET A 114 -13.18 -24.45 -8.68
N GLU A 115 -14.46 -24.50 -8.32
CA GLU A 115 -15.31 -25.61 -8.71
C GLU A 115 -16.78 -25.21 -8.65
N ILE A 116 -17.62 -26.00 -9.32
CA ILE A 116 -19.06 -25.81 -9.29
C ILE A 116 -19.73 -27.13 -8.91
N LEU A 117 -20.88 -27.03 -8.26
CA LEU A 117 -21.64 -28.22 -7.88
C LEU A 117 -22.71 -28.53 -8.93
N ASP A 118 -22.57 -29.69 -9.56
CA ASP A 118 -23.61 -30.20 -10.45
C ASP A 118 -24.70 -30.81 -9.59
N LYS A 119 -25.75 -30.04 -9.34
CA LYS A 119 -26.79 -30.41 -8.39
C LYS A 119 -27.54 -31.67 -8.82
N GLU A 120 -27.65 -31.86 -10.15
CA GLU A 120 -28.37 -33.01 -10.68
C GLU A 120 -27.53 -34.28 -10.61
N LYS A 121 -26.28 -34.18 -11.06
CA LYS A 121 -25.35 -35.31 -11.00
C LYS A 121 -24.89 -35.54 -9.57
N ASN A 122 -25.04 -34.53 -8.72
CA ASN A 122 -24.52 -34.53 -7.36
C ASN A 122 -23.02 -34.77 -7.36
N GLU A 123 -22.32 -34.00 -8.19
CA GLU A 123 -20.87 -34.11 -8.29
C GLU A 123 -20.21 -32.74 -8.37
N VAL A 124 -18.99 -32.66 -7.85
CA VAL A 124 -18.17 -31.45 -7.94
C VAL A 124 -17.43 -31.46 -9.28
N ILE A 125 -17.48 -30.32 -9.98
CA ILE A 125 -16.74 -30.15 -11.23
C ILE A 125 -15.67 -29.09 -11.02
N LYS A 126 -14.42 -29.46 -11.26
CA LYS A 126 -13.30 -28.55 -11.07
C LYS A 126 -13.10 -27.67 -12.29
N LEU A 127 -12.82 -26.39 -12.05
CA LEU A 127 -12.55 -25.44 -13.12
C LEU A 127 -11.03 -25.22 -13.24
N PRO A 128 -10.54 -24.98 -14.46
CA PRO A 128 -9.10 -24.82 -14.70
C PRO A 128 -8.56 -23.46 -14.25
N VAL A 129 -8.68 -23.16 -12.96
CA VAL A 129 -8.16 -21.92 -12.41
C VAL A 129 -6.63 -21.95 -12.39
N GLY A 130 -6.07 -23.05 -11.89
CA GLY A 130 -4.64 -23.18 -11.71
C GLY A 130 -3.86 -23.07 -13.00
N THR A 131 -4.29 -23.82 -14.02
CA THR A 131 -3.61 -23.82 -15.31
C THR A 131 -3.76 -22.48 -16.01
N THR A 132 -4.96 -21.90 -15.92
CA THR A 132 -5.22 -20.59 -16.52
C THR A 132 -4.31 -19.54 -15.87
N ALA A 133 -4.22 -19.60 -14.54
CA ALA A 133 -3.46 -18.60 -13.79
C ALA A 133 -1.96 -18.66 -14.10
N VAL A 134 -1.40 -19.86 -14.08
CA VAL A 134 0.03 -20.04 -14.29
C VAL A 134 0.43 -19.66 -15.72
N LYS A 135 -0.41 -20.01 -16.68
CA LYS A 135 -0.14 -19.65 -18.07
C LYS A 135 -0.15 -18.13 -18.23
N ALA A 136 -1.17 -17.49 -17.64
CA ALA A 136 -1.33 -16.04 -17.75
C ALA A 136 -0.12 -15.30 -17.17
N ALA A 137 0.36 -15.77 -16.02
CA ALA A 137 1.52 -15.16 -15.38
C ALA A 137 2.77 -15.29 -16.25
N LYS A 138 2.96 -16.47 -16.84
CA LYS A 138 4.13 -16.70 -17.69
C LYS A 138 4.08 -15.87 -18.95
N GLU A 139 2.91 -15.77 -19.56
CA GLU A 139 2.74 -14.98 -20.77
C GLU A 139 3.03 -13.50 -20.50
N TYR A 140 2.59 -13.01 -19.35
CA TYR A 140 2.81 -11.61 -19.00
C TYR A 140 4.29 -11.35 -18.78
N LEU A 141 4.96 -12.22 -18.04
CA LEU A 141 6.39 -12.07 -17.80
C LEU A 141 7.17 -12.03 -19.11
N LYS A 142 6.81 -12.90 -20.04
CA LYS A 142 7.45 -12.92 -21.35
C LYS A 142 7.28 -11.58 -22.06
N LYS A 143 6.17 -10.90 -21.76
CA LYS A 143 5.84 -9.64 -22.41
C LYS A 143 6.68 -8.47 -21.91
N VAL A 144 6.86 -8.38 -20.60
CA VAL A 144 7.49 -7.21 -19.98
C VAL A 144 8.97 -7.41 -19.66
N LEU A 145 9.47 -8.63 -19.79
CA LEU A 145 10.89 -8.90 -19.61
C LEU A 145 11.44 -9.59 -20.84
N ARG A 146 11.97 -8.80 -21.76
CA ARG A 146 12.47 -9.33 -23.04
C ARG A 146 13.54 -10.39 -22.84
N ASN A 147 14.36 -10.23 -21.80
CA ASN A 147 15.55 -11.05 -21.63
C ASN A 147 15.45 -12.09 -20.52
N VAL A 148 14.24 -12.38 -20.06
CA VAL A 148 14.06 -13.42 -19.05
C VAL A 148 13.82 -14.76 -19.71
N ASP A 149 14.37 -15.81 -19.09
CA ASP A 149 14.13 -17.19 -19.51
C ASP A 149 13.18 -17.82 -18.50
N VAL A 150 11.89 -17.85 -18.84
CA VAL A 150 10.86 -18.32 -17.92
C VAL A 150 11.02 -19.78 -17.51
N ASP A 151 11.75 -20.55 -18.31
CA ASP A 151 11.95 -21.96 -18.01
C ASP A 151 13.05 -22.17 -16.97
N LYS A 152 14.03 -21.27 -16.96
CA LYS A 152 15.18 -21.41 -16.08
C LYS A 152 15.23 -20.36 -14.98
N ASP A 153 14.77 -19.15 -15.30
CA ASP A 153 14.97 -18.00 -14.41
C ASP A 153 13.83 -17.79 -13.40
N VAL A 154 12.67 -18.40 -13.66
CA VAL A 154 11.49 -18.16 -12.84
C VAL A 154 10.74 -19.43 -12.46
N ILE A 155 10.29 -19.49 -11.21
CA ILE A 155 9.36 -20.51 -10.73
C ILE A 155 8.03 -19.84 -10.42
N ILE A 156 6.96 -20.31 -11.06
CA ILE A 156 5.63 -19.78 -10.78
C ILE A 156 4.77 -20.85 -10.13
N ASP A 157 4.50 -20.63 -8.85
CA ASP A 157 3.67 -21.51 -8.04
C ASP A 157 2.29 -20.87 -7.89
N CYS A 158 1.30 -21.66 -7.49
CA CYS A 158 -0.07 -21.17 -7.40
C CYS A 158 -0.82 -21.77 -6.22
N ARG A 159 -1.34 -20.92 -5.35
CA ARG A 159 -2.13 -21.36 -4.19
C ARG A 159 -3.47 -20.62 -4.11
N ILE A 160 -3.95 -20.10 -5.23
CA ILE A 160 -5.28 -19.51 -5.30
C ILE A 160 -6.30 -20.49 -4.71
N GLY A 161 -7.23 -19.96 -3.90
CA GLY A 161 -8.20 -20.79 -3.19
C GLY A 161 -9.63 -20.34 -3.39
N GLN A 162 -10.55 -21.22 -3.01
CA GLN A 162 -11.98 -20.95 -3.12
C GLN A 162 -12.39 -19.78 -2.21
N GLY A 163 -13.25 -18.91 -2.72
CA GLY A 163 -13.76 -17.80 -1.94
C GLY A 163 -14.83 -18.28 -0.98
N SER A 164 -15.12 -17.48 0.05
CA SER A 164 -16.14 -17.86 1.03
C SER A 164 -17.52 -17.77 0.40
N MET A 165 -18.47 -18.49 0.99
CA MET A 165 -19.85 -18.52 0.47
C MET A 165 -20.52 -17.15 0.53
N ASP A 166 -20.22 -16.39 1.59
CA ASP A 166 -20.79 -15.06 1.75
C ASP A 166 -20.29 -14.11 0.66
N ALA A 167 -19.02 -14.24 0.29
CA ALA A 167 -18.47 -13.48 -0.83
C ALA A 167 -19.19 -13.82 -2.14
N VAL A 168 -19.33 -15.12 -2.40
CA VAL A 168 -19.97 -15.58 -3.62
C VAL A 168 -21.41 -15.09 -3.67
N ASP A 169 -22.09 -15.16 -2.53
CA ASP A 169 -23.49 -14.76 -2.45
C ASP A 169 -23.69 -13.28 -2.81
N VAL A 170 -22.83 -12.41 -2.28
CA VAL A 170 -22.92 -10.97 -2.60
C VAL A 170 -22.66 -10.75 -4.08
N PHE A 171 -21.71 -11.52 -4.62
CA PHE A 171 -21.34 -11.41 -6.03
C PHE A 171 -22.50 -11.81 -6.94
N GLU A 172 -23.23 -12.84 -6.55
CA GLU A 172 -24.29 -13.41 -7.37
C GLU A 172 -25.64 -12.72 -7.17
N ARG A 173 -25.80 -12.05 -6.04
CA ARG A 173 -27.09 -11.48 -5.64
C ARG A 173 -27.76 -10.64 -6.73
N GLN A 174 -26.97 -9.83 -7.45
CA GLN A 174 -27.50 -8.98 -8.50
C GLN A 174 -26.52 -8.83 -9.67
N LYS A 175 -25.75 -9.88 -9.93
CA LYS A 175 -24.79 -9.87 -11.02
C LYS A 175 -25.46 -9.53 -12.36
N ASN A 176 -26.72 -9.94 -12.49
CA ASN A 176 -27.45 -9.76 -13.75
C ASN A 176 -28.12 -8.39 -13.85
N GLU A 177 -28.31 -7.72 -12.71
CA GLU A 177 -28.85 -6.37 -12.69
C GLU A 177 -27.69 -5.37 -12.52
N VAL A 178 -27.64 -4.67 -11.39
CA VAL A 178 -26.47 -3.88 -11.03
C VAL A 178 -25.74 -4.60 -9.89
N PRO A 179 -24.48 -5.00 -10.11
CA PRO A 179 -23.77 -5.75 -9.06
C PRO A 179 -23.66 -5.01 -7.73
N LEU A 180 -23.71 -5.76 -6.64
CA LEU A 180 -23.56 -5.20 -5.30
C LEU A 180 -22.07 -5.12 -4.94
N ALA A 181 -21.68 -4.04 -4.27
CA ALA A 181 -20.28 -3.80 -3.92
C ALA A 181 -19.70 -4.95 -3.10
N ASN A 182 -18.54 -5.46 -3.55
CA ASN A 182 -17.82 -6.53 -2.87
C ASN A 182 -17.39 -6.15 -1.46
N ASP A 183 -17.35 -4.85 -1.17
CA ASP A 183 -16.71 -4.40 0.07
C ASP A 183 -17.06 -2.94 0.37
N THR A 184 -16.69 -2.50 1.58
CA THR A 184 -16.76 -1.10 1.96
C THR A 184 -15.40 -0.47 1.75
N SER A 185 -15.23 0.21 0.62
CA SER A 185 -13.94 0.76 0.22
C SER A 185 -14.08 2.10 -0.46
N PHE A 186 -12.97 2.83 -0.58
CA PHE A 186 -12.98 4.10 -1.30
C PHE A 186 -11.91 4.11 -2.39
N GLY A 187 -12.23 4.79 -3.50
CA GLY A 187 -11.27 5.06 -4.55
C GLY A 187 -11.04 6.56 -4.64
N VAL A 188 -9.92 6.95 -5.24
CA VAL A 188 -9.59 8.36 -5.40
C VAL A 188 -9.05 8.64 -6.79
N GLY A 189 -9.30 9.85 -7.26
CA GLY A 189 -8.78 10.31 -8.53
C GLY A 189 -8.60 11.81 -8.50
N TYR A 190 -7.74 12.31 -9.37
CA TYR A 190 -7.55 13.76 -9.47
C TYR A 190 -7.03 14.11 -10.86
N ALA A 191 -7.20 15.39 -11.21
CA ALA A 191 -6.75 15.89 -12.49
C ALA A 191 -6.70 17.41 -12.44
N PRO A 192 -5.85 18.03 -13.27
CA PRO A 192 -4.92 17.38 -14.20
C PRO A 192 -3.64 16.94 -13.52
N LEU A 193 -2.77 16.24 -14.24
CA LEU A 193 -1.44 15.93 -13.76
C LEU A 193 -0.58 17.18 -13.74
N SER A 194 0.31 17.28 -12.76
CA SER A 194 1.25 18.39 -12.69
C SER A 194 2.39 18.16 -13.67
N THR A 195 3.19 19.19 -13.90
CA THR A 195 4.34 19.08 -14.80
C THR A 195 5.30 17.97 -14.36
N THR A 196 5.54 17.91 -13.05
CA THR A 196 6.45 16.91 -12.50
C THR A 196 5.86 15.51 -12.66
N GLU A 197 4.59 15.35 -12.33
CA GLU A 197 3.91 14.07 -12.47
C GLU A 197 3.95 13.55 -13.90
N ARG A 198 3.66 14.42 -14.85
CA ARG A 198 3.65 14.03 -16.26
C ARG A 198 5.06 13.66 -16.73
N LEU A 199 6.06 14.34 -16.18
CA LEU A 199 7.44 14.08 -16.57
C LEU A 199 7.90 12.72 -16.08
N VAL A 200 7.55 12.38 -14.84
CA VAL A 200 7.91 11.09 -14.28
C VAL A 200 7.19 9.98 -15.03
N LEU A 201 5.91 10.18 -15.28
CA LEU A 201 5.10 9.19 -15.98
C LEU A 201 5.62 8.94 -17.37
N GLU A 202 5.85 10.00 -18.14
CA GLU A 202 6.22 9.86 -19.55
C GLU A 202 7.66 9.42 -19.73
N THR A 203 8.52 9.74 -18.77
CA THR A 203 9.90 9.26 -18.81
C THR A 203 9.93 7.74 -18.81
N GLU A 204 9.19 7.14 -17.88
CA GLU A 204 9.17 5.68 -17.73
C GLU A 204 8.51 5.02 -18.94
N ARG A 205 7.34 5.55 -19.32
CA ARG A 205 6.61 5.03 -20.46
C ARG A 205 7.46 5.07 -21.73
N PHE A 206 8.18 6.16 -21.91
CA PHE A 206 9.05 6.31 -23.07
C PHE A 206 10.19 5.29 -23.06
N LEU A 207 10.88 5.18 -21.93
CA LEU A 207 12.03 4.29 -21.82
C LEU A 207 11.63 2.81 -21.86
N ASN A 208 10.36 2.53 -21.58
CA ASN A 208 9.85 1.15 -21.64
C ASN A 208 8.96 0.93 -22.87
N SER A 209 8.96 1.88 -23.80
CA SER A 209 8.25 1.69 -25.06
C SER A 209 9.08 0.77 -25.96
N ASP A 210 8.39 0.00 -26.80
CA ASP A 210 9.06 -0.94 -27.68
C ASP A 210 10.01 -0.25 -28.64
N GLU A 211 9.66 0.97 -29.05
CA GLU A 211 10.46 1.70 -30.02
C GLU A 211 11.85 2.06 -29.45
N LEU A 212 11.90 2.43 -28.18
CA LEU A 212 13.17 2.81 -27.57
C LEU A 212 14.03 1.59 -27.29
N LYS A 213 13.40 0.51 -26.84
CA LYS A 213 14.13 -0.71 -26.50
C LYS A 213 14.66 -1.41 -27.75
N ASN A 214 13.94 -1.28 -28.85
CA ASN A 214 14.43 -1.78 -30.14
C ASN A 214 15.67 -1.00 -30.56
N GLU A 215 15.69 0.29 -30.23
CA GLU A 215 16.83 1.15 -30.55
C GLU A 215 17.97 0.93 -29.57
N ILE A 216 17.64 0.73 -28.30
CA ILE A 216 18.63 0.54 -27.25
C ILE A 216 18.30 -0.70 -26.42
N PRO A 217 18.58 -1.89 -26.97
CA PRO A 217 18.21 -3.15 -26.30
C PRO A 217 18.91 -3.36 -24.96
N ALA A 218 19.91 -2.54 -24.65
CA ALA A 218 20.61 -2.63 -23.37
C ALA A 218 19.74 -2.14 -22.22
N VAL A 219 18.64 -1.45 -22.53
CA VAL A 219 17.77 -0.89 -21.50
C VAL A 219 16.84 -1.95 -20.94
N GLY A 220 17.02 -2.27 -19.66
CA GLY A 220 16.14 -3.19 -18.97
C GLY A 220 14.82 -2.52 -18.62
N GLU A 221 13.82 -3.34 -18.30
CA GLU A 221 12.48 -2.84 -18.04
C GLU A 221 12.27 -2.41 -16.59
N ASP A 222 13.21 -2.79 -15.71
CA ASP A 222 13.15 -2.35 -14.33
C ASP A 222 13.69 -0.93 -14.25
N ILE A 223 12.77 0.03 -14.42
CA ILE A 223 13.11 1.44 -14.40
C ILE A 223 12.29 2.13 -13.33
N LYS A 224 12.98 2.66 -12.32
CA LYS A 224 12.35 3.41 -11.25
C LYS A 224 12.67 4.89 -11.44
N VAL A 225 11.63 5.71 -11.57
CA VAL A 225 11.82 7.14 -11.80
C VAL A 225 11.23 7.92 -10.63
N MET A 226 12.04 8.81 -10.06
CA MET A 226 11.59 9.69 -8.99
C MET A 226 11.80 11.15 -9.38
N GLY A 227 10.74 11.94 -9.21
CA GLY A 227 10.78 13.36 -9.51
C GLY A 227 10.69 14.21 -8.27
N LEU A 228 11.72 15.01 -8.03
CA LEU A 228 11.73 15.96 -6.92
C LEU A 228 11.72 17.38 -7.45
N ARG A 229 10.62 18.09 -7.23
CA ARG A 229 10.55 19.50 -7.61
C ARG A 229 10.80 20.41 -6.41
N GLU A 230 11.65 21.39 -6.63
CA GLU A 230 11.90 22.45 -5.66
C GLU A 230 11.80 23.78 -6.40
N GLY A 231 10.67 24.44 -6.24
CA GLY A 231 10.39 25.65 -7.00
C GLY A 231 10.12 25.28 -8.45
N LYS A 232 10.93 25.84 -9.34
CA LYS A 232 10.82 25.55 -10.77
C LYS A 232 11.98 24.68 -11.22
N LYS A 233 12.62 24.02 -10.27
CA LYS A 233 13.69 23.06 -10.54
C LYS A 233 13.21 21.63 -10.28
N ILE A 234 13.27 20.78 -11.31
CA ILE A 234 12.87 19.37 -11.16
C ILE A 234 14.07 18.46 -11.31
N THR A 235 14.37 17.70 -10.27
CA THR A 235 15.44 16.70 -10.31
C THR A 235 14.85 15.31 -10.56
N LEU A 236 15.19 14.75 -11.71
CA LEU A 236 14.73 13.42 -12.09
C LEU A 236 15.80 12.37 -11.78
N THR A 237 15.50 11.49 -10.84
CA THR A 237 16.41 10.41 -10.48
C THR A 237 15.90 9.09 -11.08
N ILE A 238 16.74 8.46 -11.88
CA ILE A 238 16.37 7.24 -12.59
C ILE A 238 17.27 6.09 -12.17
N ALA A 239 16.67 5.00 -11.72
CA ALA A 239 17.37 3.74 -11.52
C ALA A 239 16.97 2.79 -12.64
N MET A 240 17.92 2.50 -13.52
CA MET A 240 17.64 1.77 -14.75
C MET A 240 18.51 0.53 -14.89
N ALA A 241 17.87 -0.63 -14.86
CA ALA A 241 18.60 -1.89 -15.05
C ALA A 241 19.11 -1.99 -16.48
N VAL A 242 20.39 -2.30 -16.62
CA VAL A 242 21.00 -2.49 -17.94
C VAL A 242 21.21 -3.98 -18.20
N VAL A 243 20.89 -4.41 -19.42
CA VAL A 243 21.00 -5.81 -19.81
C VAL A 243 22.42 -6.12 -20.29
N ASP A 244 23.11 -7.00 -19.59
CA ASP A 244 24.56 -7.14 -19.75
C ASP A 244 25.00 -7.81 -21.05
N ARG A 245 24.08 -8.45 -21.76
CA ARG A 245 24.43 -9.10 -23.03
C ARG A 245 24.61 -8.07 -24.14
N TYR A 246 24.16 -6.84 -23.89
CA TYR A 246 24.21 -5.79 -24.90
C TYR A 246 25.27 -4.73 -24.59
N VAL A 247 26.10 -5.00 -23.59
CA VAL A 247 27.20 -4.12 -23.25
C VAL A 247 28.50 -4.90 -23.07
N LYS A 248 29.42 -4.70 -24.02
CA LYS A 248 30.70 -5.41 -24.05
C LYS A 248 31.61 -5.07 -22.87
N ASN A 249 31.44 -3.87 -22.32
CA ASN A 249 32.38 -3.34 -21.35
C ASN A 249 31.84 -2.10 -20.66
N ILE A 250 32.63 -1.56 -19.72
CA ILE A 250 32.20 -0.41 -18.92
C ILE A 250 31.98 0.81 -19.81
N GLU A 251 32.73 0.90 -20.91
CA GLU A 251 32.61 2.02 -21.82
C GLU A 251 31.27 1.98 -22.55
N GLU A 252 30.88 0.80 -23.04
CA GLU A 252 29.60 0.67 -23.72
C GLU A 252 28.44 0.90 -22.74
N TYR A 253 28.63 0.48 -21.49
CA TYR A 253 27.66 0.76 -20.44
C TYR A 253 27.49 2.26 -20.29
N LYS A 254 28.60 2.97 -20.23
CA LYS A 254 28.60 4.43 -20.07
C LYS A 254 27.87 5.08 -21.22
N GLU A 255 28.05 4.53 -22.42
CA GLU A 255 27.40 5.06 -23.62
C GLU A 255 25.89 4.89 -23.54
N VAL A 256 25.43 3.79 -22.96
CA VAL A 256 24.00 3.56 -22.78
C VAL A 256 23.40 4.64 -21.87
N ILE A 257 24.04 4.87 -20.73
CA ILE A 257 23.55 5.86 -19.77
C ILE A 257 23.42 7.24 -20.42
N GLU A 258 24.42 7.64 -21.17
CA GLU A 258 24.43 8.98 -21.77
C GLU A 258 23.47 9.08 -22.94
N LYS A 259 23.26 7.98 -23.66
CA LYS A 259 22.25 7.96 -24.71
C LYS A 259 20.87 8.17 -24.09
N VAL A 260 20.54 7.36 -23.08
CA VAL A 260 19.27 7.49 -22.37
C VAL A 260 19.12 8.90 -21.79
N ARG A 261 20.20 9.41 -21.21
CA ARG A 261 20.22 10.75 -20.62
C ARG A 261 19.82 11.81 -21.64
N LYS A 262 20.38 11.70 -22.85
CA LYS A 262 20.05 12.61 -23.94
C LYS A 262 18.56 12.55 -24.27
N LYS A 263 18.03 11.34 -24.36
CA LYS A 263 16.62 11.13 -24.66
C LYS A 263 15.73 11.84 -23.65
N VAL A 264 16.01 11.62 -22.37
CA VAL A 264 15.19 12.18 -21.30
C VAL A 264 15.31 13.70 -21.27
N GLU A 265 16.50 14.22 -21.60
CA GLU A 265 16.70 15.66 -21.72
C GLU A 265 15.77 16.23 -22.78
N ASP A 266 15.74 15.60 -23.94
CA ASP A 266 14.87 16.01 -25.04
C ASP A 266 13.42 15.95 -24.60
N LEU A 267 13.04 14.87 -23.92
CA LEU A 267 11.67 14.71 -23.44
C LEU A 267 11.31 15.82 -22.47
N ALA A 268 12.21 16.12 -21.54
CA ALA A 268 11.96 17.15 -20.53
C ALA A 268 11.68 18.51 -21.18
N LYS A 269 12.40 18.83 -22.24
CA LYS A 269 12.22 20.09 -22.94
C LYS A 269 10.84 20.18 -23.58
N LYS A 270 10.30 19.04 -23.99
CA LYS A 270 9.01 19.02 -24.67
C LYS A 270 7.83 19.24 -23.72
N ILE A 271 7.91 18.68 -22.50
CA ILE A 271 6.76 18.69 -21.60
C ILE A 271 7.02 19.43 -20.27
N ALA A 272 8.26 19.82 -20.02
CA ALA A 272 8.59 20.61 -18.82
C ALA A 272 9.23 21.95 -19.21
N ASP A 273 8.68 22.58 -20.25
CA ASP A 273 9.19 23.87 -20.71
C ASP A 273 9.10 24.92 -19.61
N GLY A 274 10.20 25.63 -19.39
CA GLY A 274 10.24 26.69 -18.39
C GLY A 274 10.81 26.24 -17.07
N TYR A 275 11.06 24.93 -16.93
CA TYR A 275 11.64 24.38 -15.72
C TYR A 275 13.10 24.00 -15.93
N GLU A 276 13.89 24.12 -14.87
CA GLU A 276 15.25 23.60 -14.86
C GLU A 276 15.22 22.12 -14.50
N VAL A 277 15.56 21.25 -15.47
CA VAL A 277 15.46 19.82 -15.28
C VAL A 277 16.83 19.14 -15.18
N GLU A 278 17.13 18.61 -14.00
CA GLU A 278 18.32 17.78 -13.80
C GLU A 278 17.96 16.31 -13.93
N ILE A 279 18.85 15.52 -14.53
CA ILE A 279 18.60 14.11 -14.77
C ILE A 279 19.76 13.27 -14.25
N HIS A 280 19.52 12.58 -13.14
CA HIS A 280 20.51 11.70 -12.52
C HIS A 280 20.15 10.24 -12.77
N ILE A 281 21.09 9.47 -13.33
CA ILE A 281 20.84 8.08 -13.70
C ILE A 281 21.79 7.12 -13.01
N ASN A 282 21.23 6.12 -12.33
CA ASN A 282 22.00 5.09 -11.65
C ASN A 282 23.12 5.69 -10.80
N THR A 283 22.71 6.49 -9.82
CA THR A 283 23.64 7.32 -9.05
C THR A 283 24.57 6.50 -8.15
N ALA A 284 24.24 5.23 -7.95
CA ALA A 284 25.02 4.37 -7.07
C ALA A 284 26.19 3.72 -7.81
N ASP A 285 26.28 3.95 -9.11
CA ASP A 285 27.36 3.37 -9.92
C ASP A 285 28.74 3.78 -9.43
N ASP A 286 29.70 2.87 -9.60
CA ASP A 286 31.09 3.11 -9.24
C ASP A 286 31.97 2.66 -10.41
N TYR A 287 32.20 3.57 -11.36
CA TYR A 287 32.95 3.24 -12.56
C TYR A 287 34.39 2.85 -12.24
N GLU A 288 34.93 3.46 -11.18
CA GLU A 288 36.29 3.17 -10.75
C GLU A 288 36.47 1.68 -10.47
N ARG A 289 35.48 1.08 -9.81
CA ARG A 289 35.53 -0.34 -9.43
C ARG A 289 34.60 -1.18 -10.31
N GLU A 290 34.11 -0.59 -11.39
CA GLU A 290 33.23 -1.27 -12.34
C GLU A 290 32.02 -1.93 -11.66
N SER A 291 31.58 -1.35 -10.54
CA SER A 291 30.38 -1.82 -9.85
C SER A 291 29.19 -0.98 -10.30
N VAL A 292 28.46 -1.46 -11.30
CA VAL A 292 27.36 -0.72 -11.89
C VAL A 292 26.07 -1.55 -11.94
N TYR A 293 24.99 -0.91 -12.37
CA TYR A 293 23.68 -1.54 -12.39
C TYR A 293 23.54 -2.49 -13.59
N LEU A 294 24.33 -3.57 -13.57
CA LEU A 294 24.24 -4.62 -14.59
C LEU A 294 23.32 -5.75 -14.17
N THR A 295 22.49 -6.21 -15.10
CA THR A 295 21.63 -7.35 -14.86
C THR A 295 21.66 -8.31 -16.04
N VAL A 296 21.30 -9.55 -15.76
CA VAL A 296 21.16 -10.59 -16.79
C VAL A 296 19.79 -10.51 -17.44
N THR A 297 18.75 -10.32 -16.62
CA THR A 297 17.36 -10.41 -17.09
C THR A 297 16.68 -9.06 -17.28
N GLY A 298 17.30 -7.99 -16.79
CA GLY A 298 16.74 -6.66 -16.91
C GLY A 298 15.85 -6.26 -15.74
N THR A 299 15.88 -7.05 -14.67
CA THR A 299 15.12 -6.73 -13.46
C THR A 299 15.91 -7.02 -12.19
N SER A 300 15.75 -6.15 -11.20
CA SER A 300 16.43 -6.32 -9.92
C SER A 300 15.88 -7.49 -9.13
N ALA A 301 14.81 -8.09 -9.64
CA ALA A 301 14.27 -9.33 -9.04
C ALA A 301 15.36 -10.40 -8.99
N GLU A 302 16.30 -10.33 -9.93
CA GLU A 302 17.40 -11.28 -9.99
C GLU A 302 18.47 -10.97 -8.94
N MET A 303 18.31 -9.86 -8.24
CA MET A 303 19.31 -9.38 -7.28
C MET A 303 18.86 -9.62 -5.84
N GLY A 304 17.84 -10.47 -5.67
CA GLY A 304 17.33 -10.76 -4.34
C GLY A 304 16.29 -9.75 -3.85
N ASP A 305 15.89 -8.84 -4.72
CA ASP A 305 14.85 -7.88 -4.37
C ASP A 305 13.47 -8.49 -4.53
N ASP A 306 12.59 -8.18 -3.57
CA ASP A 306 11.26 -8.77 -3.50
C ASP A 306 10.19 -7.84 -4.03
N GLY A 307 9.03 -8.41 -4.31
CA GLY A 307 7.87 -7.64 -4.72
C GLY A 307 6.57 -8.22 -4.20
N SER A 308 5.54 -7.37 -4.11
CA SER A 308 4.19 -7.84 -3.85
C SER A 308 3.19 -6.84 -4.42
N VAL A 309 1.91 -7.18 -4.37
CA VAL A 309 0.87 -6.41 -5.01
C VAL A 309 0.48 -5.17 -4.20
N GLY A 310 0.20 -4.08 -4.90
CA GLY A 310 -0.25 -2.84 -4.27
C GLY A 310 0.81 -2.11 -3.49
N ARG A 311 2.06 -2.31 -3.84
CA ARG A 311 3.18 -1.65 -3.17
C ARG A 311 3.74 -0.48 -3.97
N GLY A 312 3.14 -0.20 -5.12
CA GLY A 312 3.69 0.76 -6.05
C GLY A 312 2.68 1.78 -6.57
N ASN A 313 2.63 1.91 -7.88
CA ASN A 313 1.82 2.94 -8.52
C ASN A 313 0.34 2.76 -8.23
N ARG A 314 -0.36 3.89 -8.16
CA ARG A 314 -1.82 3.90 -8.13
C ARG A 314 -2.30 3.70 -9.56
N VAL A 315 -3.62 3.68 -9.77
CA VAL A 315 -4.15 3.39 -11.09
C VAL A 315 -3.75 4.45 -12.13
N ASN A 316 -3.46 5.66 -11.66
CA ASN A 316 -2.99 6.72 -12.56
C ASN A 316 -1.53 6.54 -12.94
N GLY A 317 -0.88 5.54 -12.34
CA GLY A 317 0.49 5.17 -12.70
C GLY A 317 1.56 5.86 -11.88
N LEU A 318 1.17 6.49 -10.77
CA LEU A 318 2.11 7.28 -9.97
C LEU A 318 1.96 7.05 -8.47
N ILE A 319 3.05 7.34 -7.76
CA ILE A 319 3.06 7.39 -6.30
C ILE A 319 3.22 8.87 -5.90
N THR A 320 2.22 9.41 -5.21
CA THR A 320 2.11 10.85 -5.01
C THR A 320 1.74 11.25 -3.59
N PRO A 321 2.74 11.40 -2.71
CA PRO A 321 2.43 11.78 -1.33
C PRO A 321 1.90 13.22 -1.19
N PHE A 322 1.94 14.02 -2.25
CA PHE A 322 1.35 15.36 -2.22
C PHE A 322 -0.02 15.40 -2.88
N ARG A 323 -0.56 14.21 -3.15
CA ARG A 323 -1.92 14.06 -3.66
C ARG A 323 -2.66 13.06 -2.78
N PRO A 324 -3.99 13.12 -2.76
CA PRO A 324 -4.71 12.07 -2.04
C PRO A 324 -4.54 10.72 -2.73
N MET A 325 -4.46 9.65 -1.93
CA MET A 325 -4.30 8.30 -2.48
C MET A 325 -5.20 7.31 -1.76
N SER A 326 -5.63 6.29 -2.50
CA SER A 326 -6.29 5.12 -1.93
C SER A 326 -5.24 4.03 -1.74
N MET A 327 -5.38 3.26 -0.66
CA MET A 327 -4.45 2.15 -0.43
C MET A 327 -4.91 0.87 -1.14
N GLU A 328 -6.09 0.93 -1.76
CA GLU A 328 -6.62 -0.20 -2.51
C GLU A 328 -5.71 -0.56 -3.68
N ALA A 329 -5.49 -1.86 -3.89
CA ALA A 329 -4.70 -2.35 -5.01
C ALA A 329 -5.62 -2.82 -6.13
N ALA A 330 -5.76 -2.02 -7.17
CA ALA A 330 -6.72 -2.30 -8.24
C ALA A 330 -6.40 -3.59 -8.99
N SER A 331 -5.10 -3.88 -9.13
CA SER A 331 -4.65 -5.00 -9.94
C SER A 331 -5.08 -6.35 -9.37
N GLY A 332 -5.76 -7.14 -10.20
CA GLY A 332 -6.16 -8.49 -9.83
C GLY A 332 -7.56 -8.61 -9.26
N LYS A 333 -8.12 -7.50 -8.80
CA LYS A 333 -9.49 -7.49 -8.31
C LYS A 333 -10.45 -7.65 -9.49
N ASN A 334 -11.58 -8.32 -9.30
CA ASN A 334 -12.49 -8.57 -10.42
C ASN A 334 -13.17 -7.28 -10.85
N PRO A 335 -13.42 -7.13 -12.17
CA PRO A 335 -13.98 -5.90 -12.71
C PRO A 335 -15.51 -5.83 -12.62
N VAL A 336 -16.12 -6.81 -11.97
CA VAL A 336 -17.58 -6.88 -11.91
C VAL A 336 -18.11 -6.08 -10.71
N ASN A 337 -17.64 -6.40 -9.51
CA ASN A 337 -18.20 -5.80 -8.30
C ASN A 337 -17.19 -5.40 -7.23
N HIS A 338 -15.90 -5.48 -7.52
CA HIS A 338 -14.92 -5.01 -6.53
C HIS A 338 -14.65 -3.52 -6.72
N VAL A 339 -15.29 -2.72 -5.88
CA VAL A 339 -15.17 -1.27 -5.94
C VAL A 339 -13.76 -0.77 -5.70
N GLY A 340 -12.95 -1.56 -5.00
CA GLY A 340 -11.55 -1.22 -4.79
C GLY A 340 -10.81 -0.98 -6.10
N LYS A 341 -11.36 -1.57 -7.17
CA LYS A 341 -10.84 -1.38 -8.52
C LYS A 341 -11.69 -0.39 -9.29
N ILE A 342 -13.00 -0.65 -9.31
CA ILE A 342 -13.94 0.11 -10.12
C ILE A 342 -13.97 1.60 -9.73
N TYR A 343 -14.01 1.87 -8.42
CA TYR A 343 -14.13 3.24 -7.95
C TYR A 343 -12.84 4.05 -8.13
N ASN A 344 -11.70 3.38 -8.14
CA ASN A 344 -10.43 4.07 -8.40
C ASN A 344 -10.31 4.47 -9.88
N ILE A 345 -10.80 3.61 -10.76
CA ILE A 345 -10.85 3.94 -12.18
C ILE A 345 -11.91 5.01 -12.41
N LEU A 346 -13.08 4.82 -11.81
CA LEU A 346 -14.20 5.74 -11.98
C LEU A 346 -13.85 7.14 -11.49
N ALA A 347 -13.16 7.21 -10.36
CA ALA A 347 -12.78 8.48 -9.77
C ALA A 347 -11.83 9.23 -10.70
N ASN A 348 -10.91 8.49 -11.33
CA ASN A 348 -9.99 9.10 -12.28
C ASN A 348 -10.71 9.61 -13.51
N LEU A 349 -11.68 8.83 -13.99
CA LEU A 349 -12.45 9.21 -15.17
C LEU A 349 -13.24 10.49 -14.92
N ILE A 350 -13.87 10.58 -13.75
CA ILE A 350 -14.69 11.73 -13.40
C ILE A 350 -13.81 12.97 -13.22
N ALA A 351 -12.69 12.82 -12.52
CA ALA A 351 -11.78 13.94 -12.28
C ALA A 351 -11.26 14.52 -13.60
N ASN A 352 -10.94 13.65 -14.54
CA ASN A 352 -10.44 14.09 -15.84
C ASN A 352 -11.47 14.96 -16.56
N ASP A 353 -12.71 14.51 -16.62
CA ASP A 353 -13.77 15.24 -17.31
C ASP A 353 -14.05 16.58 -16.64
N ILE A 354 -14.03 16.60 -15.30
CA ILE A 354 -14.28 17.83 -14.57
C ILE A 354 -13.13 18.81 -14.79
N ALA A 355 -11.91 18.29 -14.88
CA ALA A 355 -10.74 19.12 -15.10
C ALA A 355 -10.79 19.82 -16.47
N LYS A 356 -11.60 19.29 -17.38
CA LYS A 356 -11.77 19.91 -18.70
C LYS A 356 -12.59 21.19 -18.61
N LEU A 357 -13.39 21.30 -17.57
CA LEU A 357 -14.29 22.45 -17.42
C LEU A 357 -13.51 23.75 -17.26
N GLU A 358 -13.96 24.78 -17.97
CA GLU A 358 -13.39 26.11 -17.80
C GLU A 358 -13.71 26.59 -16.38
N GLY A 359 -12.70 27.15 -15.71
CA GLY A 359 -12.87 27.61 -14.34
C GLY A 359 -12.37 26.61 -13.32
N VAL A 360 -12.07 25.40 -13.76
CA VAL A 360 -11.53 24.35 -12.90
C VAL A 360 -10.02 24.26 -13.06
N LYS A 361 -9.28 24.56 -11.99
CA LYS A 361 -7.83 24.46 -12.01
C LYS A 361 -7.37 23.09 -11.57
N GLU A 362 -7.97 22.58 -10.50
CA GLU A 362 -7.69 21.24 -9.99
C GLU A 362 -8.98 20.60 -9.52
N CYS A 363 -9.05 19.28 -9.64
CA CYS A 363 -10.21 18.52 -9.21
C CYS A 363 -9.80 17.24 -8.48
N TYR A 364 -10.46 16.96 -7.35
CA TYR A 364 -10.21 15.75 -6.58
C TYR A 364 -11.52 15.00 -6.39
N VAL A 365 -11.51 13.72 -6.71
CA VAL A 365 -12.70 12.89 -6.60
C VAL A 365 -12.44 11.72 -5.66
N ARG A 366 -13.35 11.52 -4.70
CA ARG A 366 -13.28 10.41 -3.77
C ARG A 366 -14.64 9.72 -3.73
N ILE A 367 -14.63 8.40 -3.96
CA ILE A 367 -15.87 7.63 -4.07
C ILE A 367 -15.89 6.50 -3.05
N LEU A 368 -16.88 6.52 -2.17
CA LEU A 368 -16.98 5.56 -1.06
C LEU A 368 -18.16 4.61 -1.22
N SER A 369 -17.90 3.32 -1.03
CA SER A 369 -18.93 2.30 -1.10
C SER A 369 -19.42 1.90 0.28
N GLN A 370 -20.52 1.16 0.29
CA GLN A 370 -20.93 0.36 1.43
C GLN A 370 -21.14 -1.06 0.92
N ALA A 371 -20.52 -2.03 1.61
CA ALA A 371 -20.61 -3.43 1.19
C ALA A 371 -22.07 -3.85 1.06
N GLY A 372 -22.40 -4.48 -0.06
CA GLY A 372 -23.75 -4.97 -0.31
C GLY A 372 -24.64 -4.00 -1.07
N LYS A 373 -24.20 -2.75 -1.21
CA LYS A 373 -24.97 -1.76 -1.96
C LYS A 373 -24.62 -1.81 -3.45
N PRO A 374 -25.58 -1.47 -4.33
CA PRO A 374 -25.29 -1.39 -5.77
C PRO A 374 -24.11 -0.46 -6.07
N ILE A 375 -23.24 -0.87 -6.99
CA ILE A 375 -22.02 -0.11 -7.25
C ILE A 375 -22.30 1.27 -7.83
N ASN A 376 -23.51 1.49 -8.35
CA ASN A 376 -23.89 2.81 -8.85
C ASN A 376 -24.56 3.66 -7.76
N GLU A 377 -24.56 3.14 -6.53
CA GLU A 377 -25.11 3.87 -5.39
C GLU A 377 -24.07 4.02 -4.29
N PRO A 378 -22.98 4.75 -4.57
CA PRO A 378 -21.95 4.97 -3.56
C PRO A 378 -22.49 5.72 -2.35
N LYS A 379 -21.98 5.38 -1.16
CA LYS A 379 -22.37 6.07 0.06
C LYS A 379 -21.99 7.54 -0.02
N ALA A 380 -21.00 7.85 -0.85
CA ALA A 380 -20.58 9.22 -1.09
C ALA A 380 -19.74 9.31 -2.34
N LEU A 381 -20.04 10.28 -3.18
CA LEU A 381 -19.20 10.65 -4.32
C LEU A 381 -18.75 12.08 -4.09
N ASP A 382 -17.52 12.22 -3.60
CA ASP A 382 -17.01 13.49 -3.10
C ASP A 382 -16.13 14.19 -4.12
N ILE A 383 -16.44 15.46 -4.38
CA ILE A 383 -15.74 16.23 -5.41
C ILE A 383 -15.25 17.56 -4.83
N GLU A 384 -13.94 17.78 -4.93
CA GLU A 384 -13.31 19.04 -4.52
C GLU A 384 -12.73 19.76 -5.73
N ILE A 385 -12.97 21.06 -5.81
CA ILE A 385 -12.54 21.86 -6.95
C ILE A 385 -11.80 23.13 -6.51
N ILE A 386 -10.56 23.25 -6.97
CA ILE A 386 -9.85 24.52 -6.92
C ILE A 386 -10.22 25.28 -8.18
N THR A 387 -10.90 26.40 -7.99
CA THR A 387 -11.39 27.18 -9.11
C THR A 387 -10.31 28.10 -9.68
N GLU A 388 -10.39 28.37 -10.97
CA GLU A 388 -9.54 29.39 -11.58
C GLU A 388 -9.93 30.74 -11.01
N ASP A 389 -9.02 31.69 -11.01
CA ASP A 389 -9.29 33.01 -10.47
C ASP A 389 -10.49 33.65 -11.16
N SER A 390 -11.40 34.18 -10.36
CA SER A 390 -12.56 34.96 -10.82
C SER A 390 -13.70 34.09 -11.35
N TYR A 391 -13.63 32.78 -11.11
CA TYR A 391 -14.73 31.88 -11.45
C TYR A 391 -15.52 31.52 -10.20
N ASP A 392 -16.83 31.36 -10.35
CA ASP A 392 -17.71 30.98 -9.24
C ASP A 392 -17.96 29.47 -9.24
N ILE A 393 -17.79 28.86 -8.07
CA ILE A 393 -18.06 27.44 -7.88
C ILE A 393 -19.52 27.14 -8.16
N LYS A 394 -20.37 28.15 -7.98
CA LYS A 394 -21.80 28.01 -8.21
C LYS A 394 -22.10 27.73 -9.68
N ASP A 395 -21.24 28.23 -10.56
CA ASP A 395 -21.39 28.00 -11.99
C ASP A 395 -20.81 26.64 -12.38
N ILE A 396 -19.86 26.15 -11.59
CA ILE A 396 -19.16 24.91 -11.91
C ILE A 396 -19.89 23.70 -11.31
N GLU A 397 -20.47 23.89 -10.13
CA GLU A 397 -21.09 22.79 -9.38
C GLU A 397 -22.08 21.96 -10.20
N PRO A 398 -23.02 22.63 -10.92
CA PRO A 398 -24.01 21.85 -11.67
C PRO A 398 -23.37 21.00 -12.76
N LYS A 399 -22.29 21.51 -13.35
CA LYS A 399 -21.62 20.81 -14.44
C LYS A 399 -20.90 19.58 -13.89
N ALA A 400 -20.21 19.75 -12.77
CA ALA A 400 -19.47 18.67 -12.12
C ALA A 400 -20.42 17.55 -11.71
N LYS A 401 -21.57 17.95 -11.15
CA LYS A 401 -22.57 17.01 -10.70
C LYS A 401 -23.12 16.18 -11.87
N GLU A 402 -23.25 16.82 -13.03
CA GLU A 402 -23.78 16.15 -14.22
C GLU A 402 -22.77 15.13 -14.75
N ILE A 403 -21.49 15.49 -14.74
CA ILE A 403 -20.43 14.58 -15.16
C ILE A 403 -20.44 13.34 -14.29
N ALA A 404 -20.56 13.54 -12.99
CA ALA A 404 -20.58 12.42 -12.04
C ALA A 404 -21.77 11.51 -12.30
N ASN A 405 -22.95 12.11 -12.45
CA ASN A 405 -24.17 11.36 -12.72
C ASN A 405 -24.10 10.62 -14.04
N LYS A 406 -23.55 11.28 -15.05
CA LYS A 406 -23.34 10.68 -16.36
C LYS A 406 -22.51 9.40 -16.23
N TRP A 407 -21.50 9.44 -15.38
CA TRP A 407 -20.58 8.31 -15.24
C TRP A 407 -21.19 7.18 -14.41
N LEU A 408 -22.00 7.53 -13.42
CA LEU A 408 -22.70 6.52 -12.63
C LEU A 408 -23.77 5.83 -13.48
N ASP A 409 -24.35 6.57 -14.42
CA ASP A 409 -25.30 5.99 -15.36
C ASP A 409 -24.61 4.97 -16.26
N ASN A 410 -23.34 5.22 -16.56
CA ASN A 410 -22.57 4.38 -17.47
C ASN A 410 -21.50 3.57 -16.73
N ILE A 411 -21.74 3.29 -15.46
CA ILE A 411 -20.75 2.63 -14.62
C ILE A 411 -20.33 1.27 -15.16
N MET A 412 -21.20 0.65 -15.96
CA MET A 412 -20.88 -0.66 -16.53
C MET A 412 -19.86 -0.54 -17.66
N GLU A 413 -19.66 0.67 -18.16
CA GLU A 413 -18.63 0.92 -19.16
C GLU A 413 -17.24 0.81 -18.55
N VAL A 414 -17.16 0.98 -17.24
CA VAL A 414 -15.88 0.85 -16.53
C VAL A 414 -15.42 -0.61 -16.62
N GLN A 415 -16.27 -1.53 -16.18
CA GLN A 415 -16.00 -2.95 -16.33
C GLN A 415 -15.59 -3.26 -17.77
N LYS A 416 -16.35 -2.72 -18.72
CA LYS A 416 -16.12 -2.98 -20.12
C LYS A 416 -14.76 -2.45 -20.57
N MET A 417 -14.36 -1.30 -20.03
CA MET A 417 -13.06 -0.72 -20.34
C MET A 417 -11.92 -1.53 -19.74
N ILE A 418 -12.13 -2.04 -18.53
CA ILE A 418 -11.12 -2.83 -17.83
C ILE A 418 -10.91 -4.18 -18.52
N VAL A 419 -12.00 -4.85 -18.86
CA VAL A 419 -11.93 -6.17 -19.49
C VAL A 419 -11.27 -6.09 -20.86
N GLU A 420 -11.55 -5.01 -21.59
CA GLU A 420 -10.97 -4.83 -22.92
C GLU A 420 -9.54 -4.30 -22.85
N GLY A 421 -9.01 -4.17 -21.64
CA GLY A 421 -7.64 -3.71 -21.44
C GLY A 421 -7.41 -2.29 -21.92
N LYS A 422 -8.42 -1.44 -21.77
CA LYS A 422 -8.35 -0.06 -22.25
C LYS A 422 -7.86 0.90 -21.17
N VAL A 423 -7.70 0.40 -19.95
CA VAL A 423 -7.18 1.20 -18.85
C VAL A 423 -6.14 0.43 -18.05
N THR A 424 -5.26 1.16 -17.38
CA THR A 424 -4.21 0.57 -16.56
C THR A 424 -4.67 0.48 -15.11
N THR A 425 -4.10 -0.46 -14.37
CA THR A 425 -4.37 -0.61 -12.94
C THR A 425 -3.14 -0.24 -12.13
N PHE A 426 -2.06 0.14 -12.81
CA PHE A 426 -0.81 0.54 -12.16
C PHE A 426 0.09 1.25 -13.17
N SER B 19 24.24 24.31 19.97
CA SER B 19 24.57 25.25 18.90
C SER B 19 24.62 24.54 17.55
N HIS B 20 23.76 23.55 17.35
CA HIS B 20 23.75 22.83 16.10
C HIS B 20 22.62 23.33 15.19
N MET B 21 22.96 23.55 13.92
CA MET B 21 22.06 24.14 12.92
C MET B 21 21.56 23.11 11.92
N ARG B 22 20.23 23.01 11.78
CA ARG B 22 19.62 22.07 10.83
C ARG B 22 18.69 22.78 9.84
N ASN B 23 18.25 22.04 8.82
CA ASN B 23 17.39 22.58 7.78
C ASN B 23 15.91 22.47 8.12
N ILE B 24 15.51 23.16 9.19
CA ILE B 24 14.12 23.14 9.64
C ILE B 24 13.36 24.38 9.18
N ILE B 25 12.19 24.13 8.60
CA ILE B 25 11.33 25.18 8.07
C ILE B 25 10.00 25.21 8.83
N VAL B 26 9.63 26.37 9.36
CA VAL B 26 8.31 26.57 9.95
C VAL B 26 7.53 27.58 9.11
N LYS B 27 6.34 27.17 8.68
CA LYS B 27 5.49 28.00 7.86
C LYS B 27 4.09 28.04 8.44
N LYS B 28 3.46 29.21 8.38
CA LYS B 28 2.06 29.35 8.75
C LYS B 28 1.22 28.79 7.63
N LEU B 29 0.31 27.89 7.96
CA LEU B 29 -0.58 27.29 6.98
C LEU B 29 -1.95 27.94 7.09
N ASP B 30 -2.28 28.74 6.08
CA ASP B 30 -3.48 29.56 6.13
C ASP B 30 -4.64 28.91 5.37
N VAL B 31 -5.10 27.78 5.88
CA VAL B 31 -6.23 27.07 5.30
C VAL B 31 -7.19 26.61 6.39
N GLU B 32 -8.39 26.18 5.98
CA GLU B 32 -9.36 25.63 6.91
C GLU B 32 -8.82 24.40 7.64
N PRO B 33 -9.00 24.33 8.97
CA PRO B 33 -8.59 23.10 9.66
C PRO B 33 -9.44 21.91 9.25
N ILE B 34 -9.00 20.70 9.59
CA ILE B 34 -9.66 19.50 9.10
C ILE B 34 -11.13 19.41 9.51
N GLU B 35 -11.44 19.78 10.75
CA GLU B 35 -12.81 19.70 11.26
C GLU B 35 -13.76 20.67 10.55
N GLU B 36 -13.22 21.76 10.02
CA GLU B 36 -14.04 22.77 9.36
C GLU B 36 -14.33 22.39 7.91
N ARG B 37 -13.51 21.51 7.35
CA ARG B 37 -13.77 21.00 6.01
C ARG B 37 -15.03 20.13 6.06
N PRO B 38 -15.84 20.14 5.00
CA PRO B 38 -17.16 19.47 5.10
C PRO B 38 -17.13 17.94 5.07
N THR B 39 -16.08 17.34 4.48
CA THR B 39 -16.04 15.89 4.31
C THR B 39 -14.77 15.25 4.86
N GLU B 40 -14.93 14.05 5.41
CA GLU B 40 -13.80 13.25 5.86
C GLU B 40 -14.07 11.76 5.65
N ILE B 41 -13.05 11.04 5.18
CA ILE B 41 -13.12 9.58 5.06
C ILE B 41 -11.91 8.99 5.75
N VAL B 42 -12.15 8.05 6.66
CA VAL B 42 -11.08 7.42 7.44
C VAL B 42 -11.34 5.92 7.58
N GLU B 43 -10.32 5.11 7.35
CA GLU B 43 -10.43 3.67 7.47
C GLU B 43 -9.33 3.09 8.36
N ARG B 44 -9.64 2.02 9.06
CA ARG B 44 -8.65 1.27 9.81
C ARG B 44 -8.87 -0.23 9.66
N LYS B 45 -7.80 -0.94 9.31
CA LYS B 45 -7.84 -2.40 9.25
C LYS B 45 -7.36 -2.96 10.59
N GLY B 46 -8.25 -3.64 11.30
CA GLY B 46 -7.98 -4.13 12.64
C GLY B 46 -6.99 -5.28 12.70
N LEU B 47 -6.68 -5.71 13.91
CA LEU B 47 -5.57 -6.62 14.17
C LEU B 47 -5.70 -7.96 13.46
N GLY B 48 -6.93 -8.45 13.35
CA GLY B 48 -7.19 -9.74 12.73
C GLY B 48 -7.44 -9.65 11.25
N HIS B 49 -7.36 -8.46 10.69
CA HIS B 49 -7.49 -8.28 9.24
C HIS B 49 -6.26 -8.89 8.56
N PRO B 50 -6.45 -9.64 7.46
CA PRO B 50 -5.33 -10.33 6.80
C PRO B 50 -4.14 -9.43 6.46
N ASP B 51 -4.39 -8.22 5.98
CA ASP B 51 -3.32 -7.28 5.67
C ASP B 51 -2.61 -6.83 6.95
N SER B 52 -3.37 -6.58 8.00
CA SER B 52 -2.78 -6.18 9.28
C SER B 52 -2.03 -7.35 9.93
N ILE B 53 -2.51 -8.57 9.69
CA ILE B 53 -1.80 -9.75 10.16
C ILE B 53 -0.41 -9.78 9.53
N CYS B 54 -0.34 -9.54 8.23
CA CYS B 54 0.93 -9.52 7.52
C CYS B 54 1.86 -8.40 7.98
N ASP B 55 1.32 -7.18 8.15
CA ASP B 55 2.10 -6.07 8.67
C ASP B 55 2.68 -6.41 10.05
N GLY B 56 1.82 -6.90 10.93
CA GLY B 56 2.24 -7.27 12.28
C GLY B 56 3.30 -8.36 12.29
N ILE B 57 3.16 -9.36 11.43
CA ILE B 57 4.16 -10.42 11.34
C ILE B 57 5.46 -9.84 10.81
N ALA B 58 5.38 -9.03 9.76
CA ALA B 58 6.55 -8.41 9.16
C ALA B 58 7.39 -7.68 10.19
N GLU B 59 6.73 -6.87 11.02
CA GLU B 59 7.42 -6.07 12.02
C GLU B 59 7.89 -6.93 13.18
N SER B 60 7.09 -7.92 13.57
CA SER B 60 7.46 -8.82 14.66
C SER B 60 8.72 -9.63 14.31
N VAL B 61 8.83 -10.05 13.06
CA VAL B 61 10.00 -10.79 12.62
C VAL B 61 11.23 -9.88 12.67
N SER B 62 11.06 -8.64 12.21
CA SER B 62 12.16 -7.66 12.24
C SER B 62 12.66 -7.44 13.66
N ARG B 63 11.74 -7.19 14.58
CA ARG B 63 12.09 -6.98 15.98
C ARG B 63 12.82 -8.20 16.55
N ALA B 64 12.36 -9.40 16.18
CA ALA B 64 12.97 -10.63 16.65
C ALA B 64 14.42 -10.73 16.16
N LEU B 65 14.63 -10.41 14.88
CA LEU B 65 15.97 -10.44 14.31
C LEU B 65 16.86 -9.36 14.94
N CYS B 66 16.27 -8.20 15.23
CA CYS B 66 17.02 -7.12 15.89
C CYS B 66 17.56 -7.60 17.23
N LYS B 67 16.70 -8.24 18.02
CA LYS B 67 17.10 -8.73 19.33
C LYS B 67 18.12 -9.87 19.19
N MET B 68 17.99 -10.65 18.13
CA MET B 68 18.95 -11.70 17.82
C MET B 68 20.32 -11.08 17.57
N TYR B 69 20.36 -10.08 16.71
CA TYR B 69 21.60 -9.37 16.38
C TYR B 69 22.21 -8.69 17.61
N MET B 70 21.36 -8.04 18.40
CA MET B 70 21.82 -7.31 19.59
C MET B 70 22.47 -8.24 20.60
N GLU B 71 21.87 -9.41 20.81
CA GLU B 71 22.36 -10.35 21.81
C GLU B 71 23.72 -10.91 21.44
N LYS B 72 23.97 -11.08 20.14
CA LYS B 72 25.23 -11.63 19.68
C LYS B 72 26.32 -10.58 19.52
N PHE B 73 25.95 -9.41 18.98
CA PHE B 73 26.94 -8.41 18.59
C PHE B 73 26.78 -7.06 19.29
N GLY B 74 25.63 -6.82 19.92
CA GLY B 74 25.38 -5.55 20.55
C GLY B 74 25.08 -4.46 19.52
N THR B 75 24.72 -4.89 18.32
CA THR B 75 24.31 -3.97 17.26
C THR B 75 23.33 -4.70 16.34
N ILE B 76 22.65 -3.93 15.49
CA ILE B 76 21.68 -4.49 14.54
C ILE B 76 22.28 -4.54 13.14
N LEU B 77 22.20 -5.72 12.51
CA LEU B 77 22.75 -5.90 11.16
C LEU B 77 21.66 -5.78 10.10
N HIS B 78 22.08 -5.67 8.85
CA HIS B 78 21.18 -5.45 7.73
C HIS B 78 20.14 -6.56 7.58
N HIS B 79 18.89 -6.13 7.40
CA HIS B 79 17.79 -7.05 7.13
C HIS B 79 16.57 -6.24 6.68
N ASN B 80 15.64 -6.92 6.03
CA ASN B 80 14.36 -6.35 5.69
C ASN B 80 13.36 -7.47 5.51
N THR B 81 12.30 -7.46 6.32
CA THR B 81 11.31 -8.53 6.29
C THR B 81 9.93 -7.95 6.00
N ASP B 82 9.91 -6.90 5.18
CA ASP B 82 8.68 -6.21 4.79
C ASP B 82 8.00 -6.93 3.64
N GLN B 83 8.02 -8.25 3.69
CA GLN B 83 7.44 -9.09 2.66
C GLN B 83 6.81 -10.31 3.32
N VAL B 84 5.49 -10.31 3.42
CA VAL B 84 4.75 -11.40 4.04
C VAL B 84 3.46 -11.62 3.25
N GLU B 85 3.22 -12.86 2.84
CA GLU B 85 2.05 -13.20 2.04
C GLU B 85 1.15 -14.17 2.81
N LEU B 86 -0.11 -13.80 2.97
CA LEU B 86 -1.08 -14.66 3.63
C LEU B 86 -2.08 -15.17 2.61
N VAL B 87 -2.10 -16.49 2.43
CA VAL B 87 -3.04 -17.15 1.53
C VAL B 87 -4.23 -17.64 2.33
N GLY B 88 -5.42 -17.17 1.98
CA GLY B 88 -6.63 -17.58 2.65
C GLY B 88 -6.79 -19.09 2.65
N GLY B 89 -7.27 -19.64 3.77
CA GLY B 89 -7.41 -21.08 3.91
C GLY B 89 -8.72 -21.60 3.34
N HIS B 90 -9.20 -22.69 3.93
CA HIS B 90 -10.49 -23.28 3.57
C HIS B 90 -11.25 -23.58 4.86
N ALA B 91 -12.52 -23.22 4.89
CA ALA B 91 -13.31 -23.40 6.11
C ALA B 91 -14.80 -23.59 5.78
N TYR B 92 -15.53 -24.11 6.74
CA TYR B 92 -16.97 -24.28 6.61
C TYR B 92 -17.64 -23.81 7.90
N PRO B 93 -17.97 -22.51 7.98
CA PRO B 93 -18.62 -21.96 9.17
C PRO B 93 -19.97 -22.62 9.42
N LYS B 94 -20.35 -22.74 10.69
CA LYS B 94 -21.63 -23.33 11.05
C LYS B 94 -22.02 -22.86 12.45
N PHE B 95 -23.28 -22.50 12.62
CA PHE B 95 -23.78 -22.08 13.92
C PHE B 95 -23.50 -23.17 14.96
N GLY B 96 -22.88 -22.78 16.07
CA GLY B 96 -22.55 -23.72 17.12
C GLY B 96 -21.11 -24.20 17.05
N GLY B 97 -20.48 -24.02 15.90
CA GLY B 97 -19.09 -24.43 15.71
C GLY B 97 -18.88 -25.03 14.33
N GLY B 98 -18.04 -24.37 13.53
CA GLY B 98 -17.78 -24.81 12.17
C GLY B 98 -16.51 -25.62 12.06
N VAL B 99 -16.04 -25.79 10.82
CA VAL B 99 -14.90 -26.64 10.51
C VAL B 99 -13.81 -25.87 9.78
N MET B 100 -12.58 -25.95 10.29
CA MET B 100 -11.40 -25.48 9.57
C MET B 100 -10.87 -26.63 8.72
N VAL B 101 -10.95 -26.47 7.40
CA VAL B 101 -10.58 -27.54 6.47
C VAL B 101 -9.10 -27.52 6.12
N SER B 102 -8.65 -26.40 5.56
CA SER B 102 -7.25 -26.24 5.16
C SER B 102 -6.62 -25.08 5.91
N PRO B 103 -5.38 -25.26 6.42
CA PRO B 103 -4.75 -24.18 7.20
C PRO B 103 -4.50 -22.90 6.41
N ILE B 104 -4.42 -21.79 7.13
CA ILE B 104 -3.94 -20.54 6.57
C ILE B 104 -2.46 -20.72 6.21
N TYR B 105 -2.09 -20.35 4.99
CA TYR B 105 -0.68 -20.42 4.57
C TYR B 105 -0.05 -19.03 4.56
N ILE B 106 1.01 -18.89 5.34
CA ILE B 106 1.77 -17.64 5.42
C ILE B 106 3.21 -17.87 4.95
N LEU B 107 3.64 -17.04 4.00
CA LEU B 107 5.02 -17.08 3.50
C LEU B 107 5.81 -15.87 3.99
N LEU B 108 6.86 -16.12 4.77
CA LEU B 108 7.79 -15.08 5.17
C LEU B 108 8.83 -14.86 4.07
N SER B 109 9.07 -13.61 3.72
CA SER B 109 10.07 -13.29 2.71
C SER B 109 10.88 -12.07 3.16
N GLY B 110 11.76 -11.59 2.28
CA GLY B 110 12.70 -10.54 2.63
C GLY B 110 14.13 -11.07 2.62
N ARG B 111 14.98 -10.42 3.40
CA ARG B 111 16.39 -10.80 3.50
C ARG B 111 16.91 -10.48 4.89
N ALA B 112 17.94 -11.20 5.32
CA ALA B 112 18.59 -10.91 6.59
C ALA B 112 20.02 -11.44 6.61
N THR B 113 20.90 -10.70 7.27
CA THR B 113 22.28 -11.13 7.45
C THR B 113 22.32 -12.40 8.31
N MET B 114 22.96 -13.44 7.79
CA MET B 114 22.94 -14.75 8.43
C MET B 114 24.33 -15.20 8.89
N GLU B 115 25.32 -15.11 7.99
CA GLU B 115 26.67 -15.57 8.34
C GLU B 115 27.70 -14.45 8.29
N ILE B 116 28.52 -14.40 9.33
CA ILE B 116 29.59 -13.41 9.45
C ILE B 116 30.94 -14.06 9.17
N LEU B 117 31.60 -13.60 8.11
CA LEU B 117 32.92 -14.09 7.74
C LEU B 117 34.03 -13.28 8.39
N ASP B 118 34.72 -13.90 9.34
CA ASP B 118 35.89 -13.29 9.97
C ASP B 118 37.12 -13.88 9.29
N LYS B 119 37.98 -13.01 8.75
CA LYS B 119 39.19 -13.46 8.07
C LYS B 119 40.37 -13.50 9.04
N GLU B 120 40.42 -12.52 9.95
CA GLU B 120 41.50 -12.46 10.93
C GLU B 120 41.48 -13.75 11.76
N LYS B 121 40.41 -13.93 12.53
CA LYS B 121 40.13 -15.24 13.10
C LYS B 121 39.70 -16.11 11.93
N ASN B 122 39.98 -17.41 11.98
CA ASN B 122 39.57 -18.30 10.91
C ASN B 122 38.18 -18.87 11.20
N GLU B 123 37.22 -17.97 11.38
CA GLU B 123 35.91 -18.34 11.92
C GLU B 123 34.74 -17.84 11.08
N VAL B 124 33.63 -18.56 11.18
CA VAL B 124 32.36 -18.17 10.60
C VAL B 124 31.29 -18.26 11.67
N ILE B 125 30.60 -17.15 11.92
CA ILE B 125 29.47 -17.12 12.82
C ILE B 125 28.19 -17.20 12.00
N LYS B 126 27.31 -18.14 12.34
CA LYS B 126 26.01 -18.26 11.68
C LYS B 126 24.88 -17.97 12.65
N LEU B 127 23.88 -17.24 12.18
CA LEU B 127 22.79 -16.77 13.02
C LEU B 127 21.48 -17.47 12.66
N PRO B 128 20.63 -17.73 13.67
CA PRO B 128 19.38 -18.46 13.44
C PRO B 128 18.31 -17.58 12.80
N VAL B 129 18.51 -17.18 11.55
CA VAL B 129 17.61 -16.25 10.88
C VAL B 129 16.23 -16.86 10.63
N GLY B 130 16.20 -18.00 9.94
CA GLY B 130 14.95 -18.64 9.56
C GLY B 130 14.14 -19.12 10.74
N THR B 131 14.78 -19.81 11.68
CA THR B 131 14.09 -20.33 12.84
C THR B 131 13.57 -19.20 13.74
N THR B 132 14.37 -18.15 13.89
CA THR B 132 13.94 -16.97 14.64
C THR B 132 12.71 -16.36 14.00
N ALA B 133 12.75 -16.23 12.67
CA ALA B 133 11.64 -15.64 11.93
C ALA B 133 10.34 -16.42 12.11
N VAL B 134 10.39 -17.72 11.84
CA VAL B 134 9.21 -18.58 11.93
C VAL B 134 8.61 -18.55 13.34
N LYS B 135 9.48 -18.57 14.35
CA LYS B 135 9.02 -18.53 15.74
C LYS B 135 8.34 -17.20 16.07
N ALA B 136 8.95 -16.10 15.61
CA ALA B 136 8.39 -14.77 15.84
C ALA B 136 6.99 -14.66 15.23
N ALA B 137 6.86 -15.11 13.98
CA ALA B 137 5.57 -15.06 13.30
C ALA B 137 4.51 -15.85 14.05
N LYS B 138 4.87 -17.05 14.49
CA LYS B 138 3.95 -17.93 15.21
C LYS B 138 3.51 -17.28 16.53
N GLU B 139 4.45 -16.71 17.26
CA GLU B 139 4.15 -16.07 18.54
C GLU B 139 3.26 -14.84 18.40
N TYR B 140 3.42 -14.12 17.29
CA TYR B 140 2.57 -12.96 17.05
C TYR B 140 1.13 -13.39 16.78
N LEU B 141 0.98 -14.44 15.96
CA LEU B 141 -0.34 -14.97 15.65
C LEU B 141 -1.04 -15.47 16.90
N LYS B 142 -0.29 -16.15 17.76
CA LYS B 142 -0.85 -16.67 19.01
C LYS B 142 -1.34 -15.53 19.89
N LYS B 143 -0.64 -14.40 19.84
CA LYS B 143 -0.97 -13.26 20.68
C LYS B 143 -2.30 -12.61 20.30
N VAL B 144 -2.55 -12.44 19.00
CA VAL B 144 -3.69 -11.62 18.58
C VAL B 144 -4.92 -12.46 18.23
N LEU B 145 -4.73 -13.69 17.74
CA LEU B 145 -5.85 -14.51 17.29
C LEU B 145 -6.29 -15.55 18.33
N ARG B 146 -7.29 -15.18 19.13
CA ARG B 146 -7.81 -16.00 20.22
C ARG B 146 -8.33 -17.37 19.76
N ASN B 147 -9.01 -17.40 18.62
CA ASN B 147 -9.71 -18.59 18.17
C ASN B 147 -9.03 -19.30 17.02
N VAL B 148 -7.76 -18.97 16.78
CA VAL B 148 -6.93 -19.72 15.84
C VAL B 148 -6.00 -20.64 16.60
N ASP B 149 -6.04 -21.92 16.28
CA ASP B 149 -5.10 -22.91 16.80
C ASP B 149 -3.90 -22.94 15.86
N VAL B 150 -2.81 -22.32 16.27
CA VAL B 150 -1.69 -22.09 15.38
C VAL B 150 -0.96 -23.39 15.05
N ASP B 151 -1.18 -24.43 15.86
CA ASP B 151 -0.62 -25.73 15.57
C ASP B 151 -1.26 -26.38 14.35
N LYS B 152 -2.57 -26.22 14.20
CA LYS B 152 -3.31 -26.92 13.15
C LYS B 152 -3.90 -26.00 12.08
N ASP B 153 -4.13 -24.73 12.43
CA ASP B 153 -4.82 -23.81 11.53
C ASP B 153 -3.90 -22.95 10.66
N VAL B 154 -2.59 -23.02 10.89
CA VAL B 154 -1.65 -22.18 10.16
C VAL B 154 -0.42 -22.95 9.69
N ILE B 155 0.04 -22.60 8.50
CA ILE B 155 1.32 -23.04 7.97
C ILE B 155 2.21 -21.81 7.81
N ILE B 156 3.33 -21.76 8.52
CA ILE B 156 4.27 -20.65 8.41
C ILE B 156 5.52 -21.11 7.68
N ASP B 157 5.60 -20.73 6.41
CA ASP B 157 6.74 -21.07 5.57
C ASP B 157 7.69 -19.87 5.52
N CYS B 158 8.92 -20.11 5.09
CA CYS B 158 9.96 -19.07 5.12
C CYS B 158 10.93 -19.18 3.94
N ARG B 159 11.00 -18.10 3.15
CA ARG B 159 11.97 -17.98 2.06
C ARG B 159 12.77 -16.68 2.21
N ILE B 160 13.01 -16.28 3.46
CA ILE B 160 13.86 -15.13 3.73
C ILE B 160 15.29 -15.44 3.26
N GLY B 161 15.83 -14.56 2.41
CA GLY B 161 17.19 -14.71 1.92
C GLY B 161 18.18 -14.59 3.06
N GLN B 162 19.23 -15.39 3.02
CA GLN B 162 20.24 -15.41 4.06
C GLN B 162 21.58 -14.93 3.51
N GLY B 163 21.93 -13.68 3.83
CA GLY B 163 23.11 -13.04 3.29
C GLY B 163 24.32 -13.17 4.20
N SER B 164 25.48 -12.79 3.66
CA SER B 164 26.73 -12.85 4.41
C SER B 164 27.28 -11.44 4.63
N MET B 165 28.25 -11.34 5.52
CA MET B 165 28.81 -10.05 5.90
C MET B 165 30.22 -10.23 6.48
N ASP B 166 31.13 -9.31 6.12
CA ASP B 166 32.48 -9.35 6.63
C ASP B 166 32.50 -8.89 8.08
N ALA B 167 33.32 -9.54 8.90
CA ALA B 167 33.40 -9.22 10.32
C ALA B 167 33.84 -7.77 10.54
N VAL B 168 34.64 -7.23 9.62
CA VAL B 168 35.12 -5.86 9.77
C VAL B 168 33.95 -4.89 9.70
N ASP B 169 32.97 -5.20 8.86
CA ASP B 169 31.80 -4.35 8.72
C ASP B 169 30.92 -4.47 9.96
N VAL B 170 30.95 -5.62 10.60
CA VAL B 170 30.26 -5.80 11.88
C VAL B 170 30.91 -4.90 12.92
N PHE B 171 32.25 -4.87 12.91
CA PHE B 171 33.02 -4.04 13.84
C PHE B 171 32.62 -2.57 13.68
N GLU B 172 32.46 -2.14 12.43
CA GLU B 172 32.06 -0.78 12.14
C GLU B 172 30.66 -0.49 12.68
N ARG B 173 29.74 -1.42 12.47
CA ARG B 173 28.37 -1.28 12.94
C ARG B 173 28.31 -1.17 14.46
N GLN B 174 29.22 -1.87 15.14
CA GLN B 174 29.21 -1.91 16.60
C GLN B 174 29.55 -0.54 17.21
N LYS B 175 30.06 0.37 16.40
CA LYS B 175 30.29 1.73 16.85
C LYS B 175 28.95 2.42 17.14
N ASN B 176 27.91 1.98 16.44
CA ASN B 176 26.56 2.49 16.62
C ASN B 176 26.50 4.00 16.44
N GLU B 177 27.23 4.49 15.45
CA GLU B 177 27.14 5.88 15.04
C GLU B 177 25.84 6.07 14.27
N VAL B 178 25.41 7.33 14.12
CA VAL B 178 24.21 7.64 13.37
C VAL B 178 24.43 7.21 11.92
N PRO B 179 23.50 6.41 11.36
CA PRO B 179 23.72 5.98 9.98
C PRO B 179 23.64 7.12 8.98
N LEU B 180 24.33 6.96 7.84
CA LEU B 180 24.22 7.89 6.74
C LEU B 180 23.00 7.54 5.89
N ALA B 181 22.33 8.56 5.37
CA ALA B 181 21.26 8.35 4.41
C ALA B 181 21.86 7.87 3.10
N ASN B 182 21.45 6.68 2.66
CA ASN B 182 21.93 6.12 1.41
C ASN B 182 20.93 6.39 0.30
N ASP B 183 20.18 7.49 0.43
CA ASP B 183 19.05 7.74 -0.43
C ASP B 183 18.46 9.13 -0.20
N THR B 184 17.65 9.59 -1.16
CA THR B 184 16.80 10.75 -0.97
C THR B 184 15.39 10.24 -0.73
N SER B 185 15.02 10.08 0.54
CA SER B 185 13.73 9.50 0.91
C SER B 185 12.87 10.45 1.71
N PHE B 186 11.60 10.09 1.84
CA PHE B 186 10.57 10.99 2.34
C PHE B 186 9.73 10.34 3.44
N GLY B 187 9.32 11.17 4.39
CA GLY B 187 8.40 10.76 5.44
C GLY B 187 7.47 11.91 5.78
N VAL B 188 6.22 11.60 6.11
CA VAL B 188 5.23 12.62 6.42
C VAL B 188 4.37 12.17 7.59
N GLY B 189 3.97 13.13 8.41
CA GLY B 189 3.12 12.86 9.55
C GLY B 189 2.31 14.09 9.91
N TYR B 190 1.34 13.93 10.79
CA TYR B 190 0.50 15.05 11.20
C TYR B 190 -0.15 14.81 12.56
N ALA B 191 -0.63 15.90 13.15
CA ALA B 191 -1.34 15.84 14.41
C ALA B 191 -2.08 17.16 14.61
N PRO B 192 -3.16 17.16 15.41
CA PRO B 192 -3.73 16.02 16.12
C PRO B 192 -4.69 15.21 15.24
N LEU B 193 -5.17 14.09 15.74
CA LEU B 193 -6.21 13.35 15.06
C LEU B 193 -7.52 14.11 15.12
N SER B 194 -8.28 14.08 14.04
CA SER B 194 -9.62 14.65 14.04
C SER B 194 -10.57 13.79 14.86
N THR B 195 -11.78 14.29 15.09
CA THR B 195 -12.79 13.54 15.81
C THR B 195 -13.08 12.22 15.08
N THR B 196 -13.24 12.30 13.76
CA THR B 196 -13.55 11.14 12.94
C THR B 196 -12.41 10.13 12.98
N GLU B 197 -11.18 10.62 12.86
CA GLU B 197 -10.01 9.76 12.92
C GLU B 197 -9.94 9.07 14.27
N ARG B 198 -10.15 9.83 15.33
CA ARG B 198 -10.07 9.30 16.69
C ARG B 198 -11.17 8.26 16.93
N LEU B 199 -12.34 8.50 16.37
CA LEU B 199 -13.48 7.60 16.56
C LEU B 199 -13.26 6.28 15.83
N VAL B 200 -12.72 6.34 14.62
CA VAL B 200 -12.43 5.14 13.84
C VAL B 200 -11.37 4.31 14.54
N LEU B 201 -10.32 4.97 14.99
CA LEU B 201 -9.21 4.30 15.66
C LEU B 201 -9.65 3.62 16.95
N GLU B 202 -10.36 4.34 17.80
CA GLU B 202 -10.74 3.82 19.11
C GLU B 202 -11.87 2.79 19.03
N THR B 203 -12.65 2.83 17.95
CA THR B 203 -13.69 1.82 17.75
C THR B 203 -13.05 0.46 17.55
N GLU B 204 -12.07 0.39 16.66
CA GLU B 204 -11.36 -0.86 16.41
C GLU B 204 -10.62 -1.32 17.67
N ARG B 205 -9.93 -0.39 18.33
CA ARG B 205 -9.19 -0.72 19.54
C ARG B 205 -10.10 -1.28 20.62
N PHE B 206 -11.28 -0.66 20.77
CA PHE B 206 -12.22 -1.12 21.78
C PHE B 206 -12.76 -2.49 21.42
N LEU B 207 -13.14 -2.69 20.17
CA LEU B 207 -13.77 -3.94 19.78
C LEU B 207 -12.79 -5.11 19.86
N ASN B 208 -11.49 -4.80 19.84
CA ASN B 208 -10.44 -5.81 19.96
C ASN B 208 -9.76 -5.79 21.33
N SER B 209 -10.34 -5.07 22.28
CA SER B 209 -9.82 -5.04 23.65
C SER B 209 -10.22 -6.30 24.40
N ASP B 210 -9.39 -6.72 25.35
CA ASP B 210 -9.69 -7.88 26.18
C ASP B 210 -11.02 -7.74 26.91
N GLU B 211 -11.30 -6.53 27.38
CA GLU B 211 -12.51 -6.26 28.14
C GLU B 211 -13.75 -6.62 27.35
N LEU B 212 -13.80 -6.21 26.08
CA LEU B 212 -14.98 -6.49 25.27
C LEU B 212 -15.03 -7.97 24.92
N LYS B 213 -13.87 -8.56 24.60
CA LYS B 213 -13.84 -9.98 24.22
C LYS B 213 -14.47 -10.82 25.33
N ASN B 214 -14.09 -10.54 26.56
CA ASN B 214 -14.60 -11.27 27.71
C ASN B 214 -16.11 -11.14 27.83
N GLU B 215 -16.65 -10.00 27.42
CA GLU B 215 -18.09 -9.76 27.52
C GLU B 215 -18.83 -10.30 26.30
N ILE B 216 -18.18 -10.25 25.14
CA ILE B 216 -18.79 -10.71 23.89
C ILE B 216 -17.77 -11.53 23.09
N PRO B 217 -17.51 -12.77 23.52
CA PRO B 217 -16.50 -13.62 22.88
C PRO B 217 -16.79 -13.92 21.41
N ALA B 218 -18.02 -13.69 20.98
CA ALA B 218 -18.39 -13.92 19.58
C ALA B 218 -17.69 -12.93 18.65
N VAL B 219 -17.17 -11.82 19.19
CA VAL B 219 -16.51 -10.81 18.37
C VAL B 219 -15.10 -11.24 17.99
N GLY B 220 -14.89 -11.50 16.70
CA GLY B 220 -13.58 -11.88 16.21
C GLY B 220 -12.61 -10.72 16.13
N GLU B 221 -11.40 -11.00 15.69
CA GLU B 221 -10.35 -9.98 15.63
C GLU B 221 -10.26 -9.32 14.27
N ASP B 222 -10.87 -9.93 13.26
CA ASP B 222 -10.90 -9.36 11.93
C ASP B 222 -11.97 -8.29 11.91
N ILE B 223 -11.56 -7.08 12.27
CA ILE B 223 -12.45 -5.93 12.36
C ILE B 223 -11.96 -4.82 11.43
N LYS B 224 -12.88 -4.30 10.63
CA LYS B 224 -12.61 -3.16 9.77
C LYS B 224 -13.59 -2.04 10.12
N VAL B 225 -13.08 -0.81 10.21
CA VAL B 225 -13.91 0.34 10.56
C VAL B 225 -13.72 1.45 9.53
N MET B 226 -14.81 1.81 8.86
CA MET B 226 -14.82 2.90 7.90
C MET B 226 -15.64 4.07 8.45
N GLY B 227 -15.02 5.24 8.50
CA GLY B 227 -15.68 6.44 8.98
C GLY B 227 -15.87 7.46 7.87
N LEU B 228 -17.12 7.87 7.67
CA LEU B 228 -17.45 8.95 6.74
C LEU B 228 -18.06 10.11 7.52
N ARG B 229 -17.44 11.28 7.41
CA ARG B 229 -18.03 12.48 8.01
C ARG B 229 -18.64 13.35 6.92
N GLU B 230 -19.91 13.72 7.13
CA GLU B 230 -20.61 14.65 6.26
C GLU B 230 -21.07 15.82 7.11
N GLY B 231 -20.31 16.90 7.08
CA GLY B 231 -20.57 18.04 7.95
C GLY B 231 -20.28 17.69 9.39
N LYS B 232 -21.34 17.48 10.17
CA LYS B 232 -21.22 17.09 11.57
C LYS B 232 -21.87 15.73 11.81
N LYS B 233 -22.13 15.00 10.72
CA LYS B 233 -22.63 13.65 10.80
C LYS B 233 -21.52 12.65 10.48
N ILE B 234 -21.28 11.71 11.38
CA ILE B 234 -20.28 10.67 11.16
C ILE B 234 -20.95 9.31 11.03
N THR B 235 -20.76 8.68 9.88
CA THR B 235 -21.24 7.31 9.68
C THR B 235 -20.10 6.33 9.85
N LEU B 236 -20.26 5.40 10.79
CA LEU B 236 -19.33 4.30 10.98
C LEU B 236 -19.85 3.04 10.32
N THR B 237 -19.05 2.46 9.44
CA THR B 237 -19.37 1.20 8.80
C THR B 237 -18.36 0.16 9.28
N ILE B 238 -18.85 -0.83 10.03
CA ILE B 238 -17.99 -1.81 10.67
C ILE B 238 -18.13 -3.20 10.06
N ALA B 239 -17.00 -3.78 9.65
CA ALA B 239 -16.94 -5.19 9.30
C ALA B 239 -16.39 -5.94 10.50
N MET B 240 -17.10 -6.99 10.90
CA MET B 240 -16.80 -7.69 12.15
C MET B 240 -17.05 -9.19 12.02
N ALA B 241 -15.97 -9.98 12.03
CA ALA B 241 -16.08 -11.44 11.95
C ALA B 241 -16.65 -12.03 13.24
N VAL B 242 -17.72 -12.81 13.11
CA VAL B 242 -18.34 -13.45 14.26
C VAL B 242 -17.86 -14.89 14.39
N VAL B 243 -17.48 -15.29 15.60
CA VAL B 243 -16.97 -16.64 15.87
C VAL B 243 -18.12 -17.61 16.09
N ASP B 244 -18.30 -18.56 15.19
CA ASP B 244 -19.55 -19.31 15.10
C ASP B 244 -19.81 -20.26 16.28
N ARG B 245 -18.79 -20.54 17.10
CA ARG B 245 -19.00 -21.40 18.25
C ARG B 245 -19.80 -20.69 19.34
N TYR B 246 -19.89 -19.36 19.24
CA TYR B 246 -20.56 -18.56 20.25
C TYR B 246 -21.95 -18.08 19.81
N VAL B 247 -22.37 -18.46 18.61
CA VAL B 247 -23.72 -18.13 18.14
C VAL B 247 -24.43 -19.40 17.67
N LYS B 248 -25.46 -19.79 18.40
CA LYS B 248 -26.16 -21.05 18.18
C LYS B 248 -27.10 -21.00 16.98
N ASN B 249 -27.51 -19.79 16.59
CA ASN B 249 -28.40 -19.62 15.46
C ASN B 249 -28.40 -18.17 14.97
N ILE B 250 -29.17 -17.89 13.92
CA ILE B 250 -29.19 -16.56 13.32
C ILE B 250 -29.72 -15.53 14.30
N GLU B 251 -30.61 -15.94 15.20
CA GLU B 251 -31.13 -15.05 16.22
C GLU B 251 -30.00 -14.55 17.11
N GLU B 252 -29.15 -15.45 17.58
CA GLU B 252 -28.05 -15.08 18.45
C GLU B 252 -27.03 -14.24 17.70
N TYR B 253 -26.90 -14.48 16.40
CA TYR B 253 -26.03 -13.67 15.56
C TYR B 253 -26.51 -12.21 15.59
N LYS B 254 -27.80 -12.02 15.34
CA LYS B 254 -28.41 -10.70 15.37
C LYS B 254 -28.18 -10.01 16.71
N GLU B 255 -28.34 -10.76 17.80
CA GLU B 255 -28.17 -10.23 19.13
C GLU B 255 -26.75 -9.72 19.34
N VAL B 256 -25.77 -10.43 18.81
CA VAL B 256 -24.37 -9.99 18.90
C VAL B 256 -24.21 -8.64 18.20
N ILE B 257 -24.76 -8.52 17.00
CA ILE B 257 -24.65 -7.27 16.23
C ILE B 257 -25.25 -6.10 17.01
N GLU B 258 -26.42 -6.32 17.61
CA GLU B 258 -27.10 -5.26 18.35
C GLU B 258 -26.35 -4.90 19.62
N LYS B 259 -25.75 -5.90 20.26
CA LYS B 259 -25.00 -5.67 21.48
C LYS B 259 -23.76 -4.82 21.17
N VAL B 260 -23.08 -5.15 20.08
CA VAL B 260 -21.93 -4.39 19.64
C VAL B 260 -22.34 -2.96 19.27
N ARG B 261 -23.43 -2.83 18.53
CA ARG B 261 -23.94 -1.52 18.13
C ARG B 261 -24.15 -0.62 19.35
N LYS B 262 -24.76 -1.17 20.39
CA LYS B 262 -24.99 -0.42 21.63
C LYS B 262 -23.69 0.08 22.24
N LYS B 263 -22.69 -0.77 22.31
CA LYS B 263 -21.42 -0.39 22.92
C LYS B 263 -20.69 0.66 22.08
N VAL B 264 -20.85 0.56 20.76
CA VAL B 264 -20.19 1.52 19.87
C VAL B 264 -20.89 2.88 19.97
N GLU B 265 -22.21 2.85 20.18
CA GLU B 265 -22.96 4.08 20.43
C GLU B 265 -22.46 4.77 21.69
N ASP B 266 -22.31 4.00 22.77
CA ASP B 266 -21.80 4.53 24.02
C ASP B 266 -20.41 5.14 23.82
N LEU B 267 -19.56 4.45 23.06
CA LEU B 267 -18.22 4.94 22.78
C LEU B 267 -18.28 6.27 22.02
N ALA B 268 -19.17 6.34 21.03
CA ALA B 268 -19.31 7.53 20.21
C ALA B 268 -19.74 8.72 21.06
N LYS B 269 -20.59 8.46 22.05
CA LYS B 269 -20.99 9.49 22.99
C LYS B 269 -19.80 9.99 23.79
N LYS B 270 -18.86 9.10 24.09
CA LYS B 270 -17.73 9.46 24.94
C LYS B 270 -16.71 10.36 24.26
N ILE B 271 -16.45 10.14 22.97
CA ILE B 271 -15.36 10.82 22.28
C ILE B 271 -15.80 11.62 21.06
N ALA B 272 -17.04 11.43 20.63
CA ALA B 272 -17.59 12.20 19.51
C ALA B 272 -18.89 12.88 19.93
N ASP B 273 -18.94 13.33 21.18
CA ASP B 273 -20.11 14.03 21.70
C ASP B 273 -20.26 15.37 20.98
N GLY B 274 -21.45 15.60 20.44
CA GLY B 274 -21.74 16.81 19.68
C GLY B 274 -22.02 16.51 18.24
N TYR B 275 -21.44 15.41 17.75
CA TYR B 275 -21.69 14.95 16.39
C TYR B 275 -22.86 13.98 16.36
N GLU B 276 -23.54 13.93 15.22
CA GLU B 276 -24.52 12.88 14.97
C GLU B 276 -23.78 11.64 14.47
N VAL B 277 -23.96 10.53 15.16
CA VAL B 277 -23.27 9.29 14.80
C VAL B 277 -24.26 8.22 14.36
N GLU B 278 -24.00 7.66 13.18
CA GLU B 278 -24.80 6.59 12.61
C GLU B 278 -23.91 5.37 12.44
N ILE B 279 -24.42 4.19 12.79
CA ILE B 279 -23.60 2.98 12.85
C ILE B 279 -24.20 1.83 12.05
N HIS B 280 -23.39 1.28 11.14
CA HIS B 280 -23.78 0.13 10.32
C HIS B 280 -22.77 -0.99 10.51
N ILE B 281 -23.27 -2.21 10.69
CA ILE B 281 -22.42 -3.37 10.96
C ILE B 281 -22.74 -4.52 10.01
N ASN B 282 -21.69 -5.06 9.38
CA ASN B 282 -21.81 -6.22 8.50
C ASN B 282 -22.90 -6.02 7.45
N THR B 283 -22.73 -4.98 6.65
CA THR B 283 -23.77 -4.51 5.75
C THR B 283 -24.00 -5.42 4.55
N ALA B 284 -23.13 -6.41 4.37
CA ALA B 284 -23.28 -7.37 3.28
C ALA B 284 -24.21 -8.52 3.68
N ASP B 285 -24.56 -8.57 4.96
CA ASP B 285 -25.43 -9.62 5.48
C ASP B 285 -26.80 -9.63 4.80
N ASP B 286 -27.33 -10.84 4.61
CA ASP B 286 -28.69 -11.02 4.13
C ASP B 286 -29.36 -12.07 5.00
N TYR B 287 -30.07 -11.60 6.02
CA TYR B 287 -30.69 -12.49 7.00
C TYR B 287 -31.67 -13.44 6.34
N GLU B 288 -32.31 -13.00 5.26
CA GLU B 288 -33.31 -13.80 4.56
C GLU B 288 -32.66 -15.04 3.95
N ARG B 289 -31.58 -14.84 3.19
CA ARG B 289 -30.86 -15.93 2.55
C ARG B 289 -29.91 -16.62 3.53
N GLU B 290 -29.93 -16.18 4.80
CA GLU B 290 -29.00 -16.68 5.82
C GLU B 290 -27.55 -16.64 5.33
N SER B 291 -27.19 -15.54 4.69
CA SER B 291 -25.82 -15.28 4.29
C SER B 291 -25.26 -14.17 5.18
N VAL B 292 -24.48 -14.56 6.18
CA VAL B 292 -23.94 -13.62 7.14
C VAL B 292 -22.44 -13.81 7.34
N TYR B 293 -21.81 -12.82 7.96
CA TYR B 293 -20.38 -12.83 8.21
C TYR B 293 -20.06 -13.80 9.34
N LEU B 294 -20.18 -15.10 9.04
CA LEU B 294 -19.91 -16.14 10.01
C LEU B 294 -18.55 -16.78 9.74
N THR B 295 -17.75 -16.93 10.79
CA THR B 295 -16.42 -17.52 10.66
C THR B 295 -16.16 -18.54 11.77
N VAL B 296 -15.25 -19.45 11.51
CA VAL B 296 -14.85 -20.46 12.49
C VAL B 296 -13.84 -19.87 13.46
N THR B 297 -12.92 -19.06 12.95
CA THR B 297 -11.74 -18.62 13.71
C THR B 297 -11.75 -17.15 14.11
N GLY B 298 -12.72 -16.39 13.61
CA GLY B 298 -12.81 -14.97 13.92
C GLY B 298 -11.98 -14.11 12.99
N THR B 299 -11.42 -14.71 11.94
CA THR B 299 -10.76 -13.94 10.89
C THR B 299 -11.08 -14.49 9.51
N SER B 300 -11.29 -13.57 8.56
CA SER B 300 -11.62 -13.95 7.18
C SER B 300 -10.39 -14.54 6.46
N ALA B 301 -9.25 -14.49 7.12
CA ALA B 301 -8.05 -15.17 6.62
C ALA B 301 -8.29 -16.68 6.49
N GLU B 302 -9.27 -17.20 7.22
CA GLU B 302 -9.56 -18.63 7.21
C GLU B 302 -10.06 -19.08 5.84
N MET B 303 -10.60 -18.15 5.04
CA MET B 303 -11.10 -18.49 3.71
C MET B 303 -11.50 -17.28 2.87
N GLY B 304 -12.18 -16.33 3.49
CA GLY B 304 -12.80 -15.23 2.77
C GLY B 304 -11.82 -14.29 2.07
N ASP B 305 -10.64 -14.09 2.65
CA ASP B 305 -9.73 -13.07 2.15
C ASP B 305 -8.27 -13.45 2.29
N ASP B 306 -7.44 -12.77 1.53
CA ASP B 306 -5.98 -12.91 1.56
C ASP B 306 -5.35 -11.62 2.05
N GLY B 307 -4.04 -11.64 2.27
CA GLY B 307 -3.34 -10.46 2.74
C GLY B 307 -1.87 -10.42 2.41
N SER B 308 -1.32 -9.21 2.39
CA SER B 308 0.12 -9.00 2.28
C SER B 308 0.49 -7.65 2.91
N VAL B 309 1.76 -7.30 2.82
CA VAL B 309 2.31 -6.18 3.57
C VAL B 309 2.15 -4.84 2.86
N GLY B 310 1.91 -3.79 3.63
CA GLY B 310 1.92 -2.42 3.11
C GLY B 310 0.69 -1.99 2.34
N ARG B 311 -0.43 -2.68 2.56
CA ARG B 311 -1.67 -2.39 1.83
C ARG B 311 -2.77 -1.89 2.77
N GLY B 312 -2.38 -1.53 3.98
CA GLY B 312 -3.35 -1.12 5.00
C GLY B 312 -2.96 0.18 5.66
N ASN B 313 -3.08 0.19 6.98
CA ASN B 313 -2.83 1.37 7.79
C ASN B 313 -1.43 1.95 7.57
N ARG B 314 -1.35 3.28 7.67
CA ARG B 314 -0.06 3.96 7.77
C ARG B 314 0.42 3.83 9.21
N VAL B 315 1.59 4.37 9.51
CA VAL B 315 2.20 4.17 10.83
C VAL B 315 1.35 4.77 11.96
N ASN B 316 0.46 5.68 11.64
CA ASN B 316 -0.44 6.26 12.63
C ASN B 316 -1.65 5.37 12.88
N GLY B 317 -1.74 4.28 12.14
CA GLY B 317 -2.79 3.28 12.33
C GLY B 317 -4.06 3.56 11.54
N LEU B 318 -3.97 4.46 10.56
CA LEU B 318 -5.14 4.87 9.79
C LEU B 318 -4.85 4.97 8.29
N ILE B 319 -5.93 4.92 7.51
CA ILE B 319 -5.89 5.20 6.08
C ILE B 319 -6.72 6.47 5.87
N THR B 320 -6.08 7.52 5.35
CA THR B 320 -6.65 8.86 5.38
C THR B 320 -6.45 9.62 4.07
N PRO B 321 -7.41 9.49 3.14
CA PRO B 321 -7.28 10.15 1.84
C PRO B 321 -7.48 11.67 1.87
N PHE B 322 -7.75 12.24 3.05
CA PHE B 322 -7.81 13.71 3.20
C PHE B 322 -6.58 14.25 3.92
N ARG B 323 -5.64 13.34 4.20
CA ARG B 323 -4.35 13.71 4.77
C ARG B 323 -3.27 13.22 3.82
N PRO B 324 -2.07 13.84 3.87
CA PRO B 324 -0.98 13.28 3.06
C PRO B 324 -0.56 11.91 3.57
N MET B 325 -0.32 10.98 2.65
CA MET B 325 0.11 9.63 3.00
C MET B 325 1.33 9.20 2.21
N SER B 326 2.24 8.50 2.89
CA SER B 326 3.36 7.85 2.24
C SER B 326 2.97 6.43 1.83
N MET B 327 3.44 6.00 0.67
CA MET B 327 3.07 4.69 0.13
C MET B 327 4.02 3.60 0.61
N GLU B 328 5.15 3.99 1.21
CA GLU B 328 6.13 3.02 1.67
C GLU B 328 5.61 2.17 2.82
N ALA B 329 5.97 0.89 2.80
CA ALA B 329 5.54 -0.06 3.82
C ALA B 329 6.54 -0.09 4.97
N ALA B 330 6.20 0.56 6.07
CA ALA B 330 7.11 0.68 7.22
C ALA B 330 7.42 -0.68 7.87
N SER B 331 6.39 -1.52 8.00
CA SER B 331 6.51 -2.75 8.77
C SER B 331 7.49 -3.74 8.13
N GLY B 332 8.47 -4.18 8.92
CA GLY B 332 9.45 -5.16 8.46
C GLY B 332 10.75 -4.53 7.97
N LYS B 333 10.77 -3.22 7.79
CA LYS B 333 11.95 -2.54 7.30
C LYS B 333 12.99 -2.35 8.40
N ASN B 334 14.26 -2.29 7.99
CA ASN B 334 15.37 -2.12 8.92
C ASN B 334 15.22 -0.84 9.75
N PRO B 335 15.09 -0.96 11.08
CA PRO B 335 14.91 0.25 11.89
C PRO B 335 16.21 1.04 12.07
N VAL B 336 17.31 0.49 11.59
CA VAL B 336 18.61 1.15 11.69
C VAL B 336 18.80 2.16 10.57
N ASN B 337 18.79 1.68 9.33
CA ASN B 337 19.24 2.48 8.20
C ASN B 337 18.19 2.74 7.12
N HIS B 338 16.96 2.23 7.28
CA HIS B 338 15.93 2.55 6.30
C HIS B 338 15.26 3.86 6.68
N VAL B 339 15.72 4.92 6.03
CA VAL B 339 15.31 6.27 6.36
C VAL B 339 13.80 6.51 6.20
N GLY B 340 13.20 5.92 5.18
CA GLY B 340 11.77 6.08 4.93
C GLY B 340 10.91 5.64 6.10
N LYS B 341 11.24 4.49 6.67
CA LYS B 341 10.54 3.98 7.84
C LYS B 341 10.76 4.89 9.03
N ILE B 342 12.01 5.26 9.25
CA ILE B 342 12.38 6.08 10.39
C ILE B 342 11.75 7.48 10.29
N TYR B 343 11.72 8.03 9.07
CA TYR B 343 11.19 9.38 8.87
C TYR B 343 9.68 9.44 9.02
N ASN B 344 8.98 8.40 8.61
CA ASN B 344 7.52 8.40 8.72
C ASN B 344 7.11 8.27 10.19
N ILE B 345 7.87 7.50 10.95
CA ILE B 345 7.65 7.39 12.38
C ILE B 345 8.06 8.70 13.07
N LEU B 346 9.23 9.21 12.70
CA LEU B 346 9.76 10.43 13.30
C LEU B 346 8.84 11.62 13.03
N ALA B 347 8.36 11.75 11.79
CA ALA B 347 7.48 12.85 11.43
C ALA B 347 6.21 12.82 12.27
N ASN B 348 5.74 11.61 12.55
CA ASN B 348 4.56 11.42 13.38
C ASN B 348 4.83 11.82 14.83
N LEU B 349 5.97 11.42 15.35
CA LEU B 349 6.35 11.74 16.72
C LEU B 349 6.54 13.24 16.91
N ILE B 350 7.14 13.90 15.92
CA ILE B 350 7.37 15.34 16.00
C ILE B 350 6.04 16.10 15.92
N ALA B 351 5.22 15.77 14.94
CA ALA B 351 3.94 16.45 14.77
C ALA B 351 3.09 16.32 16.03
N ASN B 352 3.10 15.15 16.64
CA ASN B 352 2.32 14.92 17.86
C ASN B 352 2.71 15.84 19.00
N ASP B 353 4.01 16.09 19.18
CA ASP B 353 4.46 16.96 20.26
C ASP B 353 4.18 18.42 19.94
N ILE B 354 4.35 18.80 18.67
CA ILE B 354 4.09 20.16 18.25
C ILE B 354 2.61 20.51 18.39
N ALA B 355 1.73 19.52 18.20
CA ALA B 355 0.30 19.73 18.34
C ALA B 355 -0.10 19.97 19.80
N LYS B 356 0.77 19.59 20.73
CA LYS B 356 0.52 19.82 22.15
C LYS B 356 0.79 21.28 22.52
N LEU B 357 1.54 21.97 21.67
CA LEU B 357 1.92 23.36 21.94
C LEU B 357 0.72 24.29 21.94
N GLU B 358 0.75 25.25 22.85
CA GLU B 358 -0.25 26.29 22.93
C GLU B 358 -0.35 27.03 21.60
N GLY B 359 -1.57 27.15 21.07
CA GLY B 359 -1.81 27.90 19.85
C GLY B 359 -1.78 27.09 18.56
N VAL B 360 -1.36 25.82 18.65
CA VAL B 360 -1.30 24.96 17.47
C VAL B 360 -2.64 24.24 17.26
N LYS B 361 -3.29 24.56 16.14
CA LYS B 361 -4.57 23.95 15.80
C LYS B 361 -4.36 22.65 15.01
N GLU B 362 -3.38 22.69 14.11
CA GLU B 362 -3.10 21.59 13.20
C GLU B 362 -1.64 21.65 12.79
N CYS B 363 -1.02 20.49 12.60
CA CYS B 363 0.41 20.43 12.31
C CYS B 363 0.73 19.34 11.30
N TYR B 364 1.51 19.69 10.29
CA TYR B 364 2.03 18.73 9.33
C TYR B 364 3.56 18.78 9.31
N VAL B 365 4.18 17.60 9.33
CA VAL B 365 5.63 17.50 9.30
C VAL B 365 6.07 16.62 8.14
N ARG B 366 6.93 17.18 7.30
CA ARG B 366 7.51 16.47 6.17
C ARG B 366 9.03 16.46 6.31
N ILE B 367 9.64 15.30 6.08
CA ILE B 367 11.09 15.16 6.25
C ILE B 367 11.70 14.53 5.00
N LEU B 368 12.77 15.16 4.51
CA LEU B 368 13.45 14.74 3.29
C LEU B 368 14.93 14.57 3.59
N SER B 369 15.48 13.41 3.25
CA SER B 369 16.85 13.08 3.62
C SER B 369 17.87 13.67 2.65
N GLN B 370 19.07 13.86 3.15
CA GLN B 370 20.23 14.25 2.34
C GLN B 370 21.15 13.04 2.20
N ALA B 371 21.25 12.51 0.98
CA ALA B 371 22.10 11.35 0.73
C ALA B 371 23.55 11.68 1.06
N GLY B 372 24.22 10.76 1.74
CA GLY B 372 25.60 10.94 2.14
C GLY B 372 25.73 11.60 3.49
N LYS B 373 24.61 12.11 4.01
CA LYS B 373 24.59 12.79 5.31
C LYS B 373 23.86 11.94 6.34
N PRO B 374 24.18 12.14 7.63
CA PRO B 374 23.46 11.45 8.72
C PRO B 374 21.95 11.62 8.59
N ILE B 375 21.22 10.59 8.96
CA ILE B 375 19.76 10.59 8.82
C ILE B 375 19.10 11.67 9.65
N ASN B 376 19.75 12.08 10.74
CA ASN B 376 19.21 13.14 11.60
C ASN B 376 19.73 14.51 11.21
N GLU B 377 20.23 14.62 9.98
CA GLU B 377 20.65 15.89 9.39
C GLU B 377 20.00 16.01 8.02
N PRO B 378 18.66 16.12 7.98
CA PRO B 378 17.91 16.04 6.72
C PRO B 378 18.13 17.21 5.77
N LYS B 379 17.89 16.96 4.49
CA LYS B 379 17.94 18.00 3.46
C LYS B 379 16.92 19.07 3.77
N ALA B 380 15.77 18.65 4.28
CA ALA B 380 14.72 19.58 4.68
C ALA B 380 13.75 18.92 5.64
N LEU B 381 13.39 19.65 6.69
CA LEU B 381 12.33 19.24 7.60
C LEU B 381 11.32 20.37 7.63
N ASP B 382 10.18 20.15 6.97
CA ASP B 382 9.17 21.17 6.81
C ASP B 382 8.07 21.01 7.85
N ILE B 383 7.81 22.09 8.59
CA ILE B 383 6.76 22.13 9.60
C ILE B 383 5.69 23.14 9.20
N GLU B 384 4.50 22.65 8.87
CA GLU B 384 3.37 23.52 8.53
C GLU B 384 2.36 23.55 9.68
N ILE B 385 2.05 24.77 10.14
CA ILE B 385 1.18 24.94 11.30
C ILE B 385 -0.01 25.84 11.02
N ILE B 386 -1.21 25.31 11.25
CA ILE B 386 -2.40 26.14 11.32
C ILE B 386 -2.52 26.66 12.75
N THR B 387 -2.46 27.99 12.89
CA THR B 387 -2.50 28.60 14.22
C THR B 387 -3.93 28.78 14.72
N GLU B 388 -4.11 28.67 16.03
CA GLU B 388 -5.36 29.06 16.67
C GLU B 388 -5.50 30.57 16.56
N ASP B 389 -6.74 31.05 16.60
CA ASP B 389 -6.99 32.49 16.50
C ASP B 389 -6.29 33.26 17.61
N SER B 390 -5.70 34.38 17.24
CA SER B 390 -5.04 35.30 18.16
C SER B 390 -3.66 34.81 18.61
N TYR B 391 -3.11 33.83 17.89
CA TYR B 391 -1.73 33.38 18.13
C TYR B 391 -0.84 33.78 16.97
N ASP B 392 0.39 34.14 17.31
CA ASP B 392 1.40 34.49 16.31
C ASP B 392 2.31 33.29 16.05
N ILE B 393 2.38 32.86 14.79
CA ILE B 393 3.20 31.74 14.40
C ILE B 393 4.64 31.91 14.89
N LYS B 394 5.09 33.15 15.00
CA LYS B 394 6.46 33.43 15.40
C LYS B 394 6.67 33.23 16.89
N ASP B 395 5.58 33.21 17.66
CA ASP B 395 5.67 32.84 19.06
C ASP B 395 5.79 31.33 19.21
N ILE B 396 5.20 30.60 18.28
CA ILE B 396 5.16 29.14 18.33
C ILE B 396 6.43 28.52 17.74
N GLU B 397 6.94 29.14 16.69
CA GLU B 397 8.03 28.60 15.89
C GLU B 397 9.26 28.16 16.70
N PRO B 398 9.73 29.00 17.63
CA PRO B 398 10.88 28.59 18.45
C PRO B 398 10.64 27.26 19.19
N LYS B 399 9.47 27.12 19.79
CA LYS B 399 9.12 25.90 20.51
C LYS B 399 9.05 24.71 19.55
N ALA B 400 8.51 24.96 18.36
CA ALA B 400 8.35 23.93 17.35
C ALA B 400 9.70 23.40 16.88
N LYS B 401 10.61 24.30 16.54
CA LYS B 401 11.94 23.90 16.07
C LYS B 401 12.70 23.16 17.15
N GLU B 402 12.50 23.58 18.40
CA GLU B 402 13.16 22.94 19.53
C GLU B 402 12.71 21.48 19.65
N ILE B 403 11.42 21.25 19.47
CA ILE B 403 10.88 19.89 19.52
C ILE B 403 11.48 19.05 18.40
N ALA B 404 11.49 19.59 17.19
CA ALA B 404 12.03 18.86 16.03
C ALA B 404 13.50 18.53 16.25
N ASN B 405 14.26 19.50 16.74
CA ASN B 405 15.68 19.30 16.99
C ASN B 405 15.92 18.31 18.12
N LYS B 406 15.03 18.30 19.11
CA LYS B 406 15.16 17.36 20.22
C LYS B 406 15.03 15.93 19.71
N TRP B 407 14.01 15.68 18.90
CA TRP B 407 13.78 14.35 18.35
C TRP B 407 14.92 13.92 17.41
N LEU B 408 15.46 14.87 16.66
CA LEU B 408 16.56 14.56 15.74
C LEU B 408 17.83 14.23 16.52
N ASP B 409 18.07 14.93 17.62
CA ASP B 409 19.22 14.63 18.47
C ASP B 409 19.10 13.23 19.04
N ASN B 410 17.87 12.82 19.30
CA ASN B 410 17.58 11.51 19.89
C ASN B 410 17.09 10.51 18.85
N ILE B 411 17.67 10.56 17.65
CA ILE B 411 17.25 9.69 16.56
C ILE B 411 17.48 8.22 16.93
N MET B 412 18.54 7.95 17.69
CA MET B 412 18.88 6.59 18.06
C MET B 412 17.91 6.06 19.10
N GLU B 413 17.29 6.96 19.84
CA GLU B 413 16.28 6.56 20.81
C GLU B 413 15.03 6.13 20.06
N VAL B 414 14.78 6.73 18.91
CA VAL B 414 13.64 6.34 18.08
C VAL B 414 13.82 4.90 17.61
N GLN B 415 15.06 4.55 17.27
CA GLN B 415 15.36 3.20 16.83
C GLN B 415 15.03 2.20 17.94
N LYS B 416 15.45 2.49 19.15
CA LYS B 416 15.14 1.66 20.30
C LYS B 416 13.64 1.48 20.49
N MET B 417 12.89 2.57 20.38
CA MET B 417 11.44 2.53 20.56
C MET B 417 10.80 1.56 19.57
N ILE B 418 11.31 1.52 18.35
CA ILE B 418 10.80 0.60 17.33
C ILE B 418 11.11 -0.85 17.72
N VAL B 419 12.36 -1.11 18.09
CA VAL B 419 12.79 -2.46 18.43
C VAL B 419 12.00 -2.98 19.63
N GLU B 420 11.70 -2.10 20.57
CA GLU B 420 10.98 -2.47 21.78
C GLU B 420 9.46 -2.43 21.58
N GLY B 421 9.04 -2.10 20.37
CA GLY B 421 7.63 -2.04 20.05
C GLY B 421 6.89 -0.95 20.79
N LYS B 422 7.57 0.16 21.05
CA LYS B 422 6.96 1.27 21.77
C LYS B 422 6.31 2.29 20.82
N VAL B 423 6.41 2.02 19.52
CA VAL B 423 5.70 2.80 18.51
C VAL B 423 5.06 1.85 17.51
N THR B 424 4.00 2.33 16.85
CA THR B 424 3.28 1.53 15.87
C THR B 424 3.88 1.67 14.47
N THR B 425 3.74 0.63 13.65
CA THR B 425 4.11 0.70 12.24
C THR B 425 2.89 0.47 11.36
N PHE B 426 1.73 0.28 12.00
CA PHE B 426 0.47 0.06 11.30
C PHE B 426 -0.67 0.11 12.31
PG 3PO C . 11.14 -0.20 -3.60
O1G 3PO C . 9.87 -0.99 -3.73
O2G 3PO C . 12.05 -0.47 -4.79
O3G 3PO C . 10.81 1.27 -3.50
PB 3PO C . 11.04 -1.08 -0.95
O1B 3PO C . 10.44 -2.45 -1.16
O2B 3PO C . 11.98 -1.11 0.24
O3B 3PO C . 11.90 -0.65 -2.26
PA 3PO C . 8.32 -0.19 -0.74
O1A 3PO C . 7.95 -1.42 -1.54
O2A 3PO C . 7.83 -0.33 0.69
O3A 3PO C . 9.91 0.06 -0.71
O5' 3PO C . 7.69 1.03 -1.37
MG MG D . 8.99 -2.66 -2.85
MG MG E . -9.13 -2.59 0.06
PG 3PO F . -9.37 -4.85 2.14
O1G 3PO F . -7.97 -5.31 2.45
O2G 3PO F . -10.30 -5.11 3.29
O3G 3PO F . -9.36 -3.37 1.83
PB 3PO F . -8.96 -5.89 -0.45
O1B 3PO F . -7.85 -6.85 -0.09
O2B 3PO F . -9.84 -6.52 -1.52
O3B 3PO F . -9.89 -5.63 0.83
PA 3PO F . -6.86 -3.92 -0.59
O1A 3PO F . -6.08 -4.87 0.28
O2A 3PO F . -6.07 -3.66 -1.85
O3A 3PO F . -8.31 -4.52 -1.02
O5' 3PO F . -7.07 -2.63 0.16
MG MG G . -6.40 -6.40 1.34
O17 EU9 H . -14.19 -11.62 -2.01
C15 EU9 H . -12.95 -11.62 -2.14
O16 EU9 H . -12.35 -12.56 -2.70
C14 EU9 H . -12.12 -10.47 -1.66
N18 EU9 H . -10.99 -10.97 -0.86
C13 EU9 H . -12.97 -9.49 -0.85
C12 EU9 H . -12.17 -8.89 0.29
S11 EU9 H . -12.79 -8.88 1.78
C7 EU9 H . -14.37 -8.52 1.81
C3 EU9 H . -15.40 -9.60 1.85
C21 EU9 H . -15.00 -10.94 1.80
C1 EU9 H . -15.93 -11.97 1.85
C61 EU9 H . -17.28 -11.67 1.97
C51 EU9 H . -17.69 -10.34 2.03
C41 EU9 H . -16.76 -9.31 1.98
N8 EU9 H . -17.29 -8.02 2.05
O10 EU9 H . -16.75 -7.06 2.91
O9 EU9 H . -18.40 -7.69 1.27
C19 EU9 H . -11.98 -7.79 2.65
C20 EU9 H . -12.23 -7.65 4.13
O24 EU9 H . -13.62 -7.50 4.44
C23 EU9 H . -13.91 -8.17 5.67
C22 EU9 H . -12.60 -8.76 6.16
O26 EU9 H . -11.99 -7.89 7.12
C27 EU9 H . -11.76 -8.86 4.91
O25 EU9 H . -10.36 -8.83 5.19
N9 EU9 H . -14.94 -9.23 5.44
C8 EU9 H . -14.71 -10.52 5.15
N7 EU9 H . -15.89 -11.19 5.02
C5 EU9 H . -16.89 -10.30 5.22
C6 EU9 H . -18.27 -10.34 5.20
N6 EU9 H . -18.94 -11.48 4.96
N1 EU9 H . -18.96 -9.20 5.46
C2 EU9 H . -18.35 -8.05 5.70
N3 EU9 H . -17.01 -7.93 5.72
C4 EU9 H . -16.24 -9.01 5.48
H2 EU9 H . -11.74 -9.92 -2.54
H3 EU9 H . -10.41 -11.59 -1.45
H4 EU9 H . -11.34 -11.49 -0.05
H6 EU9 H . -13.34 -8.69 -1.50
H7 EU9 H . -13.85 -10.02 -0.44
H8 EU9 H . -11.20 -8.48 0.10
H10 EU9 H . -14.68 -7.49 1.84
H12 EU9 H . -13.94 -11.18 1.71
H13 EU9 H . -15.61 -13.00 1.80
H14 EU9 H . -18.01 -12.47 2.01
H15 EU9 H . -18.75 -10.12 2.12
H16 EU9 H . -11.25 -7.15 2.16
H18 EU9 H . -11.67 -6.77 4.49
H19 EU9 H . -14.28 -7.45 6.41
H20 EU9 H . -12.78 -9.77 6.58
H21 EU9 H . -11.83 -7.04 6.71
H22 EU9 H . -12.02 -9.77 4.36
H23 EU9 H . -10.14 -9.56 5.77
H24 EU9 H . -13.74 -10.98 5.05
H25 EU9 H . -19.89 -11.49 4.96
H27 EU9 H . -18.95 -7.16 5.89
#